data_6M2O
#
_entry.id   6M2O
#
_cell.length_a   59.115
_cell.length_b   95.379
_cell.length_c   94.989
_cell.angle_alpha   90.00
_cell.angle_beta   105.05
_cell.angle_gamma   90.00
#
_symmetry.space_group_name_H-M   'P 1 21 1'
#
loop_
_entity.id
_entity.type
_entity.pdbx_description
1 polymer 'Benzoate-coenzyme A ligase'
2 water water
#
_entity_poly.entity_id   1
_entity_poly.type   'polypeptide(L)'
_entity_poly.pdbx_seq_one_letter_code
;MNAAAVTPPPEKFNFAEHLLQTNRVRPDKTAFVDDISSLSFAQLEAQTRQLAAALRAIGVKREERVLLLMLDGTDWPVAF
LGAIYAGIVPVAVNTLLTADDYAYMLEHSRAQAVLVSGALHPVLKAALTKSDHEVQRVIVSRPAAPLEPGEVDFAEFVGA
HAPLEKPAATQADDPAFWLYSSGSTGRPKGVVHTHANPYWTSELYGRNTLHLREDDVCFSAAKLFFAYGLGNALTFPMTV
GATTLLMGERPTPDAVFKRWLGGVGGVKPTVFYGAPTGYAGMLAAPNLPSRDQVALRLASSAGEALPAEIGQRFQRHFGL
DIVDGIGSTEMLAAFLSNLPDRVRYGTTGWPVPGYQIELRGDGGGPVADGEPGDLYIHGPSSATMYWGNRAKSRDTFQGG
WTKSGDKYVRNDDGSYTYAGRTDDMLKVSGIYVSPFEIEATLVQHPGVLEAAVVGVADEHGLTKPKAYVVPRPGQTLSET
ELKTFIKDRLAPYKYPRSTVFVAELPKTATGKIQRFKLREGVLG
;
_entity_poly.pdbx_strand_id   A,B
#
# COMPACT_ATOMS: atom_id res chain seq x y z
N VAL A 6 5.01 -22.43 -38.33
CA VAL A 6 3.97 -22.77 -37.37
C VAL A 6 2.61 -22.28 -37.85
N THR A 7 1.65 -23.18 -37.82
CA THR A 7 0.31 -22.80 -38.27
C THR A 7 -0.39 -21.99 -37.18
N PRO A 8 -1.13 -20.95 -37.54
CA PRO A 8 -1.79 -20.16 -36.52
C PRO A 8 -2.79 -20.97 -35.78
N PRO A 9 -3.12 -20.62 -34.54
CA PRO A 9 -4.20 -21.29 -33.84
C PRO A 9 -5.53 -20.95 -34.51
N PRO A 10 -6.52 -21.83 -34.39
CA PRO A 10 -7.84 -21.49 -34.94
C PRO A 10 -8.42 -20.29 -34.21
N GLU A 11 -9.31 -19.56 -34.88
CA GLU A 11 -9.82 -18.34 -34.27
C GLU A 11 -10.68 -18.65 -33.05
N LYS A 12 -11.36 -19.80 -33.05
CA LYS A 12 -12.00 -20.32 -31.85
C LYS A 12 -10.99 -21.23 -31.16
N PHE A 13 -10.58 -20.85 -29.95
CA PHE A 13 -9.41 -21.44 -29.34
C PHE A 13 -9.46 -21.21 -27.85
N ASN A 14 -9.34 -22.28 -27.08
CA ASN A 14 -9.16 -22.19 -25.63
C ASN A 14 -7.83 -22.84 -25.30
N PHE A 15 -6.89 -22.06 -24.77
CA PHE A 15 -5.52 -22.57 -24.60
C PHE A 15 -5.48 -23.75 -23.62
N ALA A 16 -6.31 -23.73 -22.57
CA ALA A 16 -6.34 -24.83 -21.63
C ALA A 16 -6.82 -26.12 -22.29
N GLU A 17 -7.94 -26.07 -22.99
CA GLU A 17 -8.37 -27.25 -23.71
C GLU A 17 -7.31 -27.71 -24.71
N HIS A 18 -6.61 -26.77 -25.34
CA HIS A 18 -5.53 -27.12 -26.28
C HIS A 18 -4.46 -27.98 -25.59
N LEU A 19 -4.01 -27.57 -24.40
CA LEU A 19 -2.99 -28.34 -23.70
C LEU A 19 -3.53 -29.67 -23.17
N LEU A 20 -4.80 -29.70 -22.74
CA LEU A 20 -5.39 -30.97 -22.30
C LEU A 20 -5.50 -31.95 -23.46
N GLN A 21 -5.99 -31.48 -24.61
CA GLN A 21 -6.16 -32.35 -25.77
C GLN A 21 -4.83 -32.89 -26.25
N THR A 22 -3.81 -32.02 -26.33
CA THR A 22 -2.45 -32.42 -26.71
C THR A 22 -1.99 -33.69 -25.99
N ASN A 23 -2.39 -33.85 -24.74
CA ASN A 23 -1.83 -34.89 -23.90
C ASN A 23 -2.80 -36.04 -23.65
N ARG A 24 -3.91 -36.08 -24.38
CA ARG A 24 -4.79 -37.21 -24.22
C ARG A 24 -4.16 -38.50 -24.74
N VAL A 25 -3.10 -38.40 -25.56
CA VAL A 25 -2.33 -39.57 -25.98
C VAL A 25 -1.50 -40.17 -24.86
N ARG A 26 -1.26 -39.44 -23.77
CA ARG A 26 -0.36 -39.90 -22.72
C ARG A 26 -0.98 -39.73 -21.34
N PRO A 27 -2.16 -40.31 -21.11
CA PRO A 27 -2.88 -40.07 -19.84
C PRO A 27 -2.11 -40.47 -18.60
N ASP A 28 -1.25 -41.47 -18.68
CA ASP A 28 -0.63 -42.01 -17.48
C ASP A 28 0.80 -41.51 -17.27
N LYS A 29 1.32 -40.70 -18.18
CA LYS A 29 2.63 -40.08 -17.97
C LYS A 29 2.50 -38.96 -16.93
N THR A 30 3.52 -38.83 -16.10
CA THR A 30 3.54 -37.78 -15.09
C THR A 30 3.62 -36.41 -15.76
N ALA A 31 2.64 -35.55 -15.47
CA ALA A 31 2.60 -34.19 -15.97
C ALA A 31 3.40 -33.26 -15.05
N PHE A 32 3.12 -33.34 -13.75
CA PHE A 32 3.76 -32.49 -12.77
C PHE A 32 4.05 -33.27 -11.49
N VAL A 33 5.20 -33.02 -10.89
CA VAL A 33 5.53 -33.67 -9.64
C VAL A 33 6.26 -32.66 -8.75
N ASP A 34 5.90 -32.64 -7.47
CA ASP A 34 6.63 -31.82 -6.50
C ASP A 34 7.00 -32.70 -5.31
N ASP A 35 7.37 -32.07 -4.20
CA ASP A 35 7.96 -32.83 -3.10
C ASP A 35 6.99 -33.81 -2.48
N ILE A 36 5.69 -33.57 -2.59
CA ILE A 36 4.70 -34.33 -1.83
C ILE A 36 3.58 -34.87 -2.69
N SER A 37 3.62 -34.69 -4.00
CA SER A 37 2.45 -34.97 -4.82
C SER A 37 2.87 -35.12 -6.27
N SER A 38 2.00 -35.77 -7.04
CA SER A 38 2.22 -35.90 -8.47
C SER A 38 0.87 -35.99 -9.17
N LEU A 39 0.85 -35.52 -10.41
CA LEU A 39 -0.34 -35.59 -11.27
C LEU A 39 0.07 -36.16 -12.61
N SER A 40 -0.58 -37.25 -13.01
CA SER A 40 -0.52 -37.65 -14.40
C SER A 40 -1.28 -36.66 -15.28
N PHE A 41 -1.09 -36.77 -16.60
CA PHE A 41 -1.84 -35.89 -17.48
C PHE A 41 -3.34 -36.14 -17.33
N ALA A 42 -3.74 -37.39 -17.08
CA ALA A 42 -5.15 -37.67 -16.85
C ALA A 42 -5.63 -36.99 -15.57
N GLN A 43 -4.89 -37.16 -14.48
CA GLN A 43 -5.27 -36.53 -13.22
C GLN A 43 -5.31 -35.01 -13.36
N LEU A 44 -4.34 -34.44 -14.07
CA LEU A 44 -4.33 -33.00 -14.30
C LEU A 44 -5.60 -32.55 -15.02
N GLU A 45 -5.97 -33.25 -16.09
CA GLU A 45 -7.19 -32.89 -16.82
C GLU A 45 -8.41 -32.98 -15.91
N ALA A 46 -8.52 -34.06 -15.13
CA ALA A 46 -9.66 -34.21 -14.23
C ALA A 46 -9.73 -33.07 -13.23
N GLN A 47 -8.62 -32.76 -12.55
CA GLN A 47 -8.64 -31.72 -11.54
C GLN A 47 -8.84 -30.35 -12.15
N THR A 48 -8.26 -30.13 -13.33
CA THR A 48 -8.43 -28.86 -14.04
C THR A 48 -9.90 -28.59 -14.33
N ARG A 49 -10.59 -29.59 -14.86
CA ARG A 49 -11.99 -29.42 -15.24
C ARG A 49 -12.92 -29.38 -14.02
N GLN A 50 -12.58 -30.07 -12.94
CA GLN A 50 -13.34 -29.93 -11.70
C GLN A 50 -13.15 -28.54 -11.09
N LEU A 51 -11.93 -27.99 -11.13
CA LEU A 51 -11.75 -26.64 -10.60
C LEU A 51 -12.48 -25.61 -11.45
N ALA A 52 -12.48 -25.79 -12.77
CA ALA A 52 -13.26 -24.91 -13.63
C ALA A 52 -14.73 -24.91 -13.21
N ALA A 53 -15.30 -26.09 -12.98
CA ALA A 53 -16.69 -26.15 -12.53
C ALA A 53 -16.85 -25.51 -11.16
N ALA A 54 -15.87 -25.71 -10.27
CA ALA A 54 -15.96 -25.15 -8.93
C ALA A 54 -16.00 -23.63 -8.98
N LEU A 55 -15.16 -23.01 -9.82
CA LEU A 55 -15.17 -21.56 -9.93
C LEU A 55 -16.50 -21.05 -10.48
N ARG A 56 -17.05 -21.75 -11.49
CA ARG A 56 -18.35 -21.35 -12.02
C ARG A 56 -19.43 -21.51 -10.96
N ALA A 57 -19.35 -22.57 -10.15
CA ALA A 57 -20.38 -22.84 -9.14
C ALA A 57 -20.46 -21.74 -8.09
N ILE A 58 -19.37 -21.01 -7.86
CA ILE A 58 -19.41 -19.95 -6.84
C ILE A 58 -19.67 -18.61 -7.51
N GLY A 59 -20.04 -18.63 -8.79
CA GLY A 59 -20.53 -17.45 -9.46
C GLY A 59 -19.53 -16.66 -10.29
N VAL A 60 -18.26 -17.08 -10.37
CA VAL A 60 -17.31 -16.35 -11.21
C VAL A 60 -17.68 -16.61 -12.66
N LYS A 61 -17.72 -15.53 -13.45
CA LYS A 61 -18.23 -15.61 -14.80
C LYS A 61 -17.10 -15.47 -15.81
N ARG A 62 -17.36 -15.91 -17.03
CA ARG A 62 -16.42 -15.71 -18.12
C ARG A 62 -15.96 -14.26 -18.19
N GLU A 63 -14.65 -14.08 -18.39
CA GLU A 63 -13.90 -12.84 -18.55
C GLU A 63 -13.61 -12.15 -17.21
N GLU A 64 -14.21 -12.59 -16.10
CA GLU A 64 -13.84 -12.07 -14.80
C GLU A 64 -12.48 -12.64 -14.40
N ARG A 65 -11.82 -11.94 -13.49
CA ARG A 65 -10.47 -12.29 -13.06
C ARG A 65 -10.50 -13.03 -11.71
N VAL A 66 -9.49 -13.87 -11.50
CA VAL A 66 -9.21 -14.45 -10.20
C VAL A 66 -7.73 -14.26 -9.93
N LEU A 67 -7.38 -14.03 -8.66
CA LEU A 67 -5.98 -13.86 -8.29
C LEU A 67 -5.38 -15.21 -7.99
N LEU A 68 -4.26 -15.50 -8.63
CA LEU A 68 -3.54 -16.76 -8.44
C LEU A 68 -2.22 -16.39 -7.75
N LEU A 69 -2.17 -16.63 -6.43
CA LEU A 69 -1.06 -16.28 -5.55
C LEU A 69 -0.58 -17.57 -4.91
N MET A 70 0.29 -18.31 -5.60
CA MET A 70 0.58 -19.68 -5.18
C MET A 70 2.04 -20.01 -5.42
N LEU A 71 2.64 -20.72 -4.47
CA LEU A 71 3.97 -21.30 -4.67
C LEU A 71 3.91 -22.36 -5.77
N ASP A 72 5.07 -22.61 -6.38
CA ASP A 72 5.15 -23.67 -7.38
C ASP A 72 4.81 -25.01 -6.73
N GLY A 73 3.93 -25.75 -7.38
CA GLY A 73 3.50 -27.05 -6.86
C GLY A 73 2.42 -27.56 -7.79
N THR A 74 2.03 -28.82 -7.59
CA THR A 74 1.08 -29.42 -8.54
C THR A 74 -0.28 -28.73 -8.55
N ASP A 75 -0.68 -28.01 -7.49
CA ASP A 75 -1.93 -27.26 -7.55
C ASP A 75 -1.86 -26.07 -8.49
N TRP A 76 -0.66 -25.53 -8.74
CA TRP A 76 -0.55 -24.31 -9.56
C TRP A 76 -1.07 -24.50 -10.98
N PRO A 77 -0.66 -25.52 -11.75
CA PRO A 77 -1.24 -25.67 -13.09
C PRO A 77 -2.71 -26.02 -13.06
N VAL A 78 -3.19 -26.73 -12.03
CA VAL A 78 -4.63 -26.94 -11.87
C VAL A 78 -5.36 -25.60 -11.76
N ALA A 79 -4.85 -24.68 -10.92
CA ALA A 79 -5.51 -23.39 -10.77
C ALA A 79 -5.48 -22.58 -12.06
N PHE A 80 -4.31 -22.52 -12.70
CA PHE A 80 -4.13 -21.72 -13.91
C PHE A 80 -4.97 -22.25 -15.04
N LEU A 81 -4.85 -23.55 -15.33
CA LEU A 81 -5.56 -24.13 -16.46
C LEU A 81 -7.04 -24.24 -16.16
N GLY A 82 -7.42 -24.47 -14.90
CA GLY A 82 -8.83 -24.58 -14.57
C GLY A 82 -9.58 -23.29 -14.80
N ALA A 83 -8.99 -22.16 -14.38
CA ALA A 83 -9.60 -20.87 -14.69
C ALA A 83 -9.73 -20.67 -16.19
N ILE A 84 -8.66 -20.90 -16.94
CA ILE A 84 -8.65 -20.65 -18.38
C ILE A 84 -9.67 -21.55 -19.09
N TYR A 85 -9.79 -22.80 -18.63
CA TYR A 85 -10.78 -23.71 -19.21
C TYR A 85 -12.19 -23.16 -19.05
N ALA A 86 -12.48 -22.55 -17.89
CA ALA A 86 -13.79 -21.94 -17.69
C ALA A 86 -13.94 -20.57 -18.33
N GLY A 87 -12.93 -20.05 -19.05
CA GLY A 87 -13.02 -18.70 -19.59
C GLY A 87 -12.81 -17.61 -18.57
N ILE A 88 -12.31 -17.97 -17.40
CA ILE A 88 -12.02 -17.05 -16.31
C ILE A 88 -10.53 -16.69 -16.43
N VAL A 89 -10.17 -15.44 -16.12
CA VAL A 89 -8.83 -14.92 -16.40
C VAL A 89 -7.99 -15.01 -15.11
N PRO A 90 -7.08 -15.96 -14.98
CA PRO A 90 -6.21 -15.96 -13.78
C PRO A 90 -5.17 -14.87 -13.90
N VAL A 91 -4.91 -14.23 -12.78
CA VAL A 91 -3.95 -13.14 -12.65
C VAL A 91 -2.83 -13.73 -11.82
N ALA A 92 -1.73 -14.14 -12.47
CA ALA A 92 -0.71 -14.94 -11.83
C ALA A 92 0.39 -14.02 -11.30
N VAL A 93 0.60 -14.02 -9.97
CA VAL A 93 1.41 -12.98 -9.36
C VAL A 93 2.56 -13.50 -8.51
N ASN A 94 3.57 -12.65 -8.40
CA ASN A 94 4.75 -12.89 -7.59
C ASN A 94 4.36 -13.18 -6.15
N THR A 95 4.99 -14.20 -5.57
CA THR A 95 4.66 -14.65 -4.23
C THR A 95 5.46 -13.94 -3.14
N LEU A 96 6.36 -13.01 -3.51
CA LEU A 96 7.24 -12.32 -2.60
CA LEU A 96 7.19 -12.33 -2.53
C LEU A 96 6.88 -10.84 -2.44
N LEU A 97 5.63 -10.47 -2.67
CA LEU A 97 5.25 -9.07 -2.59
C LEU A 97 4.62 -8.75 -1.23
N THR A 98 4.31 -7.48 -1.02
CA THR A 98 3.73 -7.05 0.25
C THR A 98 2.21 -7.06 0.19
N ALA A 99 1.59 -6.95 1.38
CA ALA A 99 0.13 -6.85 1.44
C ALA A 99 -0.39 -5.65 0.65
N ASP A 100 0.36 -4.53 0.66
CA ASP A 100 -0.10 -3.39 -0.12
C ASP A 100 -0.07 -3.68 -1.62
N ASP A 101 0.94 -4.43 -2.07
CA ASP A 101 0.99 -4.81 -3.48
C ASP A 101 -0.23 -5.64 -3.85
N TYR A 102 -0.53 -6.65 -3.04
CA TYR A 102 -1.67 -7.50 -3.37
C TYR A 102 -2.98 -6.75 -3.23
N ALA A 103 -3.08 -5.79 -2.30
CA ALA A 103 -4.30 -5.00 -2.19
C ALA A 103 -4.54 -4.22 -3.47
N TYR A 104 -3.49 -3.59 -3.99
CA TYR A 104 -3.63 -2.91 -5.28
C TYR A 104 -4.09 -3.89 -6.36
N MET A 105 -3.46 -5.07 -6.43
CA MET A 105 -3.78 -6.00 -7.50
C MET A 105 -5.23 -6.50 -7.38
N LEU A 106 -5.72 -6.69 -6.15
CA LEU A 106 -7.12 -7.08 -5.96
C LEU A 106 -8.08 -6.04 -6.49
N GLU A 107 -7.81 -4.76 -6.20
CA GLU A 107 -8.69 -3.70 -6.67
C GLU A 107 -8.56 -3.48 -8.17
N HIS A 108 -7.33 -3.48 -8.66
CA HIS A 108 -7.07 -3.18 -10.07
C HIS A 108 -7.62 -4.27 -10.98
N SER A 109 -7.44 -5.54 -10.59
CA SER A 109 -7.96 -6.66 -11.38
C SER A 109 -9.44 -6.92 -11.15
N ARG A 110 -10.02 -6.37 -10.07
CA ARG A 110 -11.39 -6.70 -9.67
C ARG A 110 -11.55 -8.22 -9.51
N ALA A 111 -10.54 -8.85 -8.91
CA ALA A 111 -10.54 -10.29 -8.74
C ALA A 111 -11.78 -10.72 -7.96
N GLN A 112 -12.45 -11.75 -8.48
CA GLN A 112 -13.68 -12.26 -7.87
C GLN A 112 -13.43 -13.43 -6.94
N ALA A 113 -12.25 -14.05 -7.01
CA ALA A 113 -11.85 -15.10 -6.10
C ALA A 113 -10.34 -15.10 -6.02
N VAL A 114 -9.82 -15.74 -4.98
CA VAL A 114 -8.38 -15.86 -4.80
C VAL A 114 -8.05 -17.32 -4.58
N LEU A 115 -7.05 -17.81 -5.30
CA LEU A 115 -6.46 -19.12 -5.08
C LEU A 115 -5.08 -18.86 -4.51
N VAL A 116 -4.87 -19.28 -3.26
CA VAL A 116 -3.70 -18.87 -2.49
C VAL A 116 -3.08 -20.06 -1.77
N SER A 117 -1.75 -20.14 -1.79
CA SER A 117 -1.05 -21.10 -0.96
C SER A 117 -1.19 -20.76 0.52
N GLY A 118 -1.25 -21.80 1.35
CA GLY A 118 -1.37 -21.56 2.79
C GLY A 118 -0.27 -20.68 3.34
N ALA A 119 0.97 -20.88 2.88
CA ALA A 119 2.09 -20.07 3.34
C ALA A 119 1.86 -18.59 3.05
N LEU A 120 1.04 -18.28 2.06
CA LEU A 120 0.80 -16.91 1.66
C LEU A 120 -0.53 -16.39 2.16
N HIS A 121 -1.27 -17.17 2.94
CA HIS A 121 -2.53 -16.66 3.45
C HIS A 121 -2.39 -15.45 4.36
N PRO A 122 -1.38 -15.32 5.22
CA PRO A 122 -1.32 -14.11 6.07
C PRO A 122 -1.18 -12.83 5.26
N VAL A 123 -0.31 -12.81 4.26
CA VAL A 123 -0.18 -11.57 3.48
C VAL A 123 -1.45 -11.30 2.68
N LEU A 124 -2.10 -12.34 2.19
CA LEU A 124 -3.36 -12.14 1.48
C LEU A 124 -4.44 -11.61 2.41
N LYS A 125 -4.50 -12.17 3.63
CA LYS A 125 -5.48 -11.70 4.62
C LYS A 125 -5.32 -10.21 4.88
N ALA A 126 -4.08 -9.77 5.05
CA ALA A 126 -3.81 -8.35 5.23
C ALA A 126 -4.27 -7.55 4.02
N ALA A 127 -4.02 -8.08 2.81
CA ALA A 127 -4.44 -7.37 1.60
C ALA A 127 -5.95 -7.26 1.52
N LEU A 128 -6.67 -8.34 1.88
CA LEU A 128 -8.12 -8.30 1.87
C LEU A 128 -8.64 -7.26 2.86
N THR A 129 -8.07 -7.24 4.05
CA THR A 129 -8.61 -6.38 5.11
C THR A 129 -8.48 -4.91 4.73
N LYS A 130 -7.45 -4.55 3.98
CA LYS A 130 -7.18 -3.13 3.77
C LYS A 130 -7.77 -2.59 2.48
N SER A 131 -8.27 -3.43 1.58
CA SER A 131 -8.64 -3.01 0.23
C SER A 131 -10.15 -2.97 0.03
N ASP A 132 -10.54 -2.25 -1.03
CA ASP A 132 -11.93 -2.25 -1.51
C ASP A 132 -12.06 -3.30 -2.62
N HIS A 133 -11.91 -4.55 -2.22
CA HIS A 133 -11.88 -5.66 -3.16
C HIS A 133 -13.28 -6.22 -3.38
N GLU A 134 -13.38 -7.11 -4.38
CA GLU A 134 -14.60 -7.79 -4.76
C GLU A 134 -14.50 -9.30 -4.61
N VAL A 135 -13.61 -9.77 -3.73
CA VAL A 135 -13.35 -11.20 -3.63
C VAL A 135 -14.55 -11.89 -2.99
N GLN A 136 -15.13 -12.86 -3.70
CA GLN A 136 -16.26 -13.64 -3.20
C GLN A 136 -15.84 -14.88 -2.44
N ARG A 137 -14.66 -15.44 -2.74
CA ARG A 137 -14.23 -16.67 -2.08
C ARG A 137 -12.71 -16.74 -2.09
N VAL A 138 -12.14 -17.24 -0.99
CA VAL A 138 -10.72 -17.53 -0.87
C VAL A 138 -10.55 -19.05 -0.81
N ILE A 139 -9.81 -19.60 -1.77
CA ILE A 139 -9.54 -21.02 -1.87
C ILE A 139 -8.09 -21.23 -1.49
N VAL A 140 -7.84 -22.02 -0.45
CA VAL A 140 -6.51 -22.13 0.13
C VAL A 140 -5.91 -23.48 -0.23
N SER A 141 -4.82 -23.46 -1.00
CA SER A 141 -4.06 -24.66 -1.32
C SER A 141 -3.07 -24.95 -0.21
N ARG A 142 -3.18 -26.14 0.42
CA ARG A 142 -2.30 -26.57 1.50
C ARG A 142 -2.33 -25.57 2.65
N PRO A 143 -3.47 -25.39 3.32
CA PRO A 143 -3.53 -24.45 4.45
C PRO A 143 -2.47 -24.73 5.50
N ALA A 144 -1.93 -23.65 6.06
CA ALA A 144 -0.94 -23.72 7.12
C ALA A 144 -1.50 -23.23 8.45
N ALA A 145 -2.78 -22.88 8.47
CA ALA A 145 -3.46 -22.39 9.66
C ALA A 145 -4.95 -22.63 9.46
N PRO A 146 -5.75 -22.57 10.52
CA PRO A 146 -7.19 -22.80 10.36
C PRO A 146 -7.84 -21.89 9.32
N LEU A 147 -8.79 -22.44 8.59
CA LEU A 147 -9.60 -21.67 7.65
C LEU A 147 -10.66 -20.83 8.38
N GLU A 148 -11.08 -19.74 7.73
CA GLU A 148 -12.20 -18.90 8.15
C GLU A 148 -13.45 -19.18 7.30
N PRO A 149 -14.63 -18.73 7.72
CA PRO A 149 -15.81 -18.88 6.85
C PRO A 149 -15.64 -18.04 5.59
N GLY A 150 -16.20 -18.52 4.49
CA GLY A 150 -15.88 -17.95 3.19
C GLY A 150 -14.53 -18.39 2.67
N GLU A 151 -13.93 -19.39 3.31
CA GLU A 151 -12.67 -19.99 2.89
C GLU A 151 -12.84 -21.50 2.79
N VAL A 152 -12.23 -22.06 1.77
CA VAL A 152 -12.35 -23.49 1.53
C VAL A 152 -10.98 -24.02 1.16
N ASP A 153 -10.73 -25.28 1.53
CA ASP A 153 -9.53 -25.99 1.13
C ASP A 153 -9.57 -26.31 -0.36
N PHE A 154 -8.43 -26.11 -1.03
CA PHE A 154 -8.34 -26.30 -2.48
C PHE A 154 -8.70 -27.72 -2.91
N ALA A 155 -8.17 -28.73 -2.19
CA ALA A 155 -8.50 -30.12 -2.53
C ALA A 155 -9.99 -30.40 -2.34
N GLU A 156 -10.59 -29.90 -1.26
CA GLU A 156 -12.03 -30.11 -1.09
C GLU A 156 -12.82 -29.34 -2.16
N PHE A 157 -12.40 -28.11 -2.45
CA PHE A 157 -13.06 -27.33 -3.50
C PHE A 157 -13.06 -28.07 -4.82
N VAL A 158 -11.91 -28.63 -5.20
CA VAL A 158 -11.83 -29.36 -6.46
C VAL A 158 -12.63 -30.65 -6.37
N GLY A 159 -12.46 -31.38 -5.28
CA GLY A 159 -13.12 -32.67 -5.15
C GLY A 159 -14.61 -32.60 -4.95
N ALA A 160 -15.16 -31.42 -4.67
CA ALA A 160 -16.58 -31.28 -4.39
C ALA A 160 -17.41 -31.00 -5.64
N HIS A 161 -16.78 -30.89 -6.81
CA HIS A 161 -17.49 -30.49 -8.02
C HIS A 161 -17.16 -31.44 -9.16
N ALA A 162 -18.20 -31.87 -9.88
CA ALA A 162 -17.99 -32.69 -11.05
C ALA A 162 -17.33 -31.88 -12.16
N PRO A 163 -16.49 -32.52 -12.98
CA PRO A 163 -15.74 -31.78 -14.00
C PRO A 163 -16.66 -31.07 -14.99
N LEU A 164 -16.28 -29.85 -15.34
CA LEU A 164 -16.94 -29.14 -16.42
C LEU A 164 -16.92 -29.98 -17.68
N GLU A 165 -18.04 -30.02 -18.39
CA GLU A 165 -18.16 -30.93 -19.53
C GLU A 165 -17.53 -30.39 -20.79
N LYS A 166 -17.34 -29.08 -20.90
CA LYS A 166 -16.81 -28.44 -22.09
C LYS A 166 -16.12 -27.15 -21.66
N PRO A 167 -15.06 -26.73 -22.37
CA PRO A 167 -14.45 -25.43 -22.08
C PRO A 167 -15.27 -24.27 -22.62
N ALA A 168 -15.02 -23.08 -22.06
CA ALA A 168 -15.65 -21.89 -22.57
C ALA A 168 -15.26 -21.63 -24.03
N ALA A 169 -16.21 -21.13 -24.82
CA ALA A 169 -16.03 -20.98 -26.27
C ALA A 169 -15.27 -19.71 -26.60
N THR A 170 -14.05 -19.62 -26.08
CA THR A 170 -13.24 -18.43 -26.24
C THR A 170 -12.68 -18.33 -27.65
N GLN A 171 -12.26 -17.13 -28.00
CA GLN A 171 -11.50 -16.91 -29.22
C GLN A 171 -10.01 -16.78 -28.89
N ALA A 172 -9.18 -17.11 -29.89
CA ALA A 172 -7.73 -17.06 -29.72
C ALA A 172 -7.24 -15.69 -29.24
N ASP A 173 -7.86 -14.61 -29.71
CA ASP A 173 -7.42 -13.28 -29.32
C ASP A 173 -8.18 -12.73 -28.10
N ASP A 174 -8.97 -13.54 -27.43
CA ASP A 174 -9.53 -13.13 -26.17
C ASP A 174 -8.46 -13.15 -25.08
N PRO A 175 -8.55 -12.27 -24.08
CA PRO A 175 -7.66 -12.38 -22.93
C PRO A 175 -7.76 -13.77 -22.30
N ALA A 176 -6.60 -14.33 -21.94
CA ALA A 176 -6.56 -15.60 -21.24
C ALA A 176 -6.03 -15.50 -19.81
N PHE A 177 -5.00 -14.67 -19.58
CA PHE A 177 -4.44 -14.50 -18.25
C PHE A 177 -3.71 -13.17 -18.19
N TRP A 178 -3.43 -12.70 -16.99
CA TRP A 178 -2.59 -11.52 -16.81
C TRP A 178 -1.36 -11.88 -16.00
N LEU A 179 -0.30 -11.12 -16.22
CA LEU A 179 0.85 -11.03 -15.34
C LEU A 179 1.00 -9.57 -14.97
N TYR A 180 1.70 -9.27 -13.88
CA TYR A 180 1.97 -7.89 -13.52
C TYR A 180 3.45 -7.58 -13.72
N SER A 181 3.74 -6.37 -14.20
CA SER A 181 5.12 -5.96 -14.42
C SER A 181 5.29 -4.53 -13.92
N SER A 182 6.37 -4.27 -13.19
CA SER A 182 6.57 -2.96 -12.61
C SER A 182 7.60 -2.16 -13.40
N GLY A 183 7.36 -0.85 -13.52
CA GLY A 183 8.32 0.09 -14.04
C GLY A 183 9.07 0.77 -12.92
N SER A 184 9.79 1.82 -13.27
CA SER A 184 10.65 2.45 -12.26
C SER A 184 9.86 3.25 -11.23
N THR A 185 8.67 3.71 -11.61
CA THR A 185 7.74 4.36 -10.71
C THR A 185 6.35 3.83 -11.01
N GLY A 186 5.41 4.14 -10.13
CA GLY A 186 4.02 3.79 -10.41
C GLY A 186 3.68 2.37 -9.99
N ARG A 187 2.39 2.07 -10.11
CA ARG A 187 1.89 0.77 -9.71
C ARG A 187 2.26 -0.29 -10.73
N PRO A 188 2.25 -1.56 -10.32
CA PRO A 188 2.45 -2.65 -11.29
C PRO A 188 1.42 -2.58 -12.39
N LYS A 189 1.85 -2.89 -13.62
CA LYS A 189 0.98 -2.82 -14.79
C LYS A 189 0.43 -4.20 -15.10
N GLY A 190 -0.87 -4.27 -15.34
CA GLY A 190 -1.52 -5.52 -15.67
C GLY A 190 -1.31 -5.90 -17.13
N VAL A 191 -0.41 -6.85 -17.36
CA VAL A 191 -0.05 -7.25 -18.72
C VAL A 191 -1.05 -8.30 -19.19
N VAL A 192 -1.81 -7.98 -20.25
CA VAL A 192 -2.90 -8.82 -20.71
C VAL A 192 -2.43 -9.73 -21.85
N HIS A 193 -2.47 -11.04 -21.61
CA HIS A 193 -2.11 -12.02 -22.64
C HIS A 193 -3.33 -12.79 -23.11
N THR A 194 -3.31 -13.15 -24.39
CA THR A 194 -4.42 -13.85 -25.01
C THR A 194 -4.21 -15.36 -24.99
N HIS A 195 -5.25 -16.10 -25.38
CA HIS A 195 -5.13 -17.55 -25.56
C HIS A 195 -4.06 -17.90 -26.57
N ALA A 196 -3.93 -17.10 -27.64
CA ALA A 196 -2.97 -17.44 -28.69
C ALA A 196 -1.54 -17.25 -28.23
N ASN A 197 -1.29 -16.30 -27.31
CA ASN A 197 0.10 -15.90 -27.06
C ASN A 197 0.95 -17.04 -26.53
N PRO A 198 0.51 -17.85 -25.56
CA PRO A 198 1.36 -18.98 -25.13
C PRO A 198 1.37 -20.13 -26.11
N TYR A 199 0.43 -20.21 -27.05
CA TYR A 199 0.62 -21.15 -28.15
C TYR A 199 1.83 -20.75 -28.98
N TRP A 200 1.92 -19.47 -29.34
CA TRP A 200 3.01 -18.98 -30.17
C TRP A 200 4.37 -19.16 -29.48
N THR A 201 4.47 -18.81 -28.20
CA THR A 201 5.75 -18.99 -27.53
C THR A 201 6.11 -20.47 -27.43
N SER A 202 5.13 -21.32 -27.08
CA SER A 202 5.43 -22.75 -26.89
C SER A 202 5.83 -23.42 -28.20
N GLU A 203 5.29 -22.94 -29.33
CA GLU A 203 5.66 -23.52 -30.62
C GLU A 203 6.93 -22.90 -31.17
N LEU A 204 7.02 -21.57 -31.18
CA LEU A 204 8.16 -20.90 -31.80
C LEU A 204 9.43 -21.04 -30.96
N TYR A 205 9.31 -21.03 -29.63
CA TYR A 205 10.49 -21.13 -28.78
C TYR A 205 10.63 -22.50 -28.13
N GLY A 206 9.65 -22.93 -27.33
CA GLY A 206 9.77 -24.22 -26.66
C GLY A 206 10.04 -25.37 -27.61
N ARG A 207 9.22 -25.47 -28.66
CA ARG A 207 9.38 -26.59 -29.58
C ARG A 207 10.42 -26.28 -30.64
N ASN A 208 10.27 -25.19 -31.38
CA ASN A 208 11.08 -25.03 -32.56
C ASN A 208 12.47 -24.46 -32.31
N THR A 209 12.74 -23.87 -31.15
CA THR A 209 14.07 -23.37 -30.86
C THR A 209 14.78 -24.23 -29.82
N LEU A 210 14.15 -24.48 -28.67
CA LEU A 210 14.80 -25.34 -27.68
C LEU A 210 14.72 -26.82 -28.02
N HIS A 211 13.79 -27.21 -28.89
CA HIS A 211 13.55 -28.61 -29.24
C HIS A 211 13.23 -29.46 -28.02
N LEU A 212 12.36 -28.94 -27.15
CA LEU A 212 11.85 -29.76 -26.05
C LEU A 212 11.06 -30.93 -26.62
N ARG A 213 11.07 -32.04 -25.89
CA ARG A 213 10.44 -33.26 -26.38
C ARG A 213 9.82 -34.04 -25.22
N GLU A 214 9.08 -35.09 -25.60
CA GLU A 214 8.24 -35.81 -24.66
C GLU A 214 9.05 -36.45 -23.53
N ASP A 215 10.25 -36.95 -23.82
CA ASP A 215 10.95 -37.62 -22.73
C ASP A 215 11.75 -36.67 -21.86
N ASP A 216 11.62 -35.36 -22.07
CA ASP A 216 12.32 -34.43 -21.20
C ASP A 216 11.68 -34.37 -19.83
N VAL A 217 12.48 -33.99 -18.84
CA VAL A 217 12.05 -33.64 -17.50
C VAL A 217 12.50 -32.20 -17.28
N CYS A 218 11.53 -31.28 -17.21
CA CYS A 218 11.79 -29.85 -17.15
C CYS A 218 11.78 -29.38 -15.70
N PHE A 219 12.73 -28.51 -15.36
CA PHE A 219 12.84 -27.97 -14.02
C PHE A 219 13.35 -26.54 -14.11
N SER A 220 12.57 -25.59 -13.58
CA SER A 220 12.85 -24.16 -13.70
C SER A 220 13.06 -23.56 -12.32
N ALA A 221 14.24 -22.95 -12.10
CA ALA A 221 14.42 -22.16 -10.90
C ALA A 221 13.52 -20.92 -10.93
N ALA A 222 13.19 -20.43 -12.13
CA ALA A 222 12.23 -19.35 -12.27
C ALA A 222 10.82 -19.88 -12.04
N LYS A 223 10.11 -19.25 -11.09
CA LYS A 223 8.81 -19.71 -10.68
C LYS A 223 7.76 -19.46 -11.77
N LEU A 224 6.62 -20.13 -11.58
CA LEU A 224 5.58 -20.14 -12.58
C LEU A 224 4.92 -18.79 -12.79
N PHE A 225 4.99 -17.87 -11.82
CA PHE A 225 4.35 -16.58 -12.02
C PHE A 225 5.19 -15.66 -12.91
N PHE A 226 6.47 -15.98 -13.12
CA PHE A 226 7.30 -15.24 -14.07
C PHE A 226 6.92 -15.68 -15.47
N ALA A 227 6.83 -14.72 -16.39
CA ALA A 227 6.60 -15.09 -17.78
C ALA A 227 7.58 -16.17 -18.20
N TYR A 228 8.85 -16.01 -17.82
CA TYR A 228 9.87 -17.00 -18.19
C TYR A 228 9.50 -18.39 -17.66
N GLY A 229 9.22 -18.47 -16.35
CA GLY A 229 8.91 -19.77 -15.74
C GLY A 229 7.60 -20.36 -16.22
N LEU A 230 6.61 -19.53 -16.54
CA LEU A 230 5.32 -20.02 -17.00
C LEU A 230 5.48 -20.81 -18.30
N GLY A 231 6.36 -20.38 -19.17
CA GLY A 231 6.69 -21.18 -20.33
C GLY A 231 7.53 -22.39 -19.96
N ASN A 232 8.64 -22.15 -19.24
CA ASN A 232 9.62 -23.20 -18.94
C ASN A 232 8.98 -24.44 -18.33
N ALA A 233 8.05 -24.23 -17.40
CA ALA A 233 7.57 -25.27 -16.49
C ALA A 233 6.06 -25.45 -16.59
N LEU A 234 5.44 -24.92 -17.63
CA LEU A 234 4.03 -25.24 -17.86
C LEU A 234 3.74 -25.27 -19.35
N THR A 235 3.76 -24.13 -20.03
CA THR A 235 3.25 -24.15 -21.40
C THR A 235 4.19 -24.90 -22.34
N PHE A 236 5.52 -24.75 -22.18
CA PHE A 236 6.43 -25.51 -23.05
C PHE A 236 6.32 -27.01 -22.83
N PRO A 237 6.49 -27.53 -21.60
CA PRO A 237 6.46 -28.99 -21.46
C PRO A 237 5.11 -29.58 -21.80
N MET A 238 4.01 -28.89 -21.48
CA MET A 238 2.71 -29.50 -21.81
C MET A 238 2.49 -29.53 -23.30
N THR A 239 3.10 -28.61 -24.04
CA THR A 239 2.97 -28.62 -25.50
C THR A 239 3.57 -29.88 -26.11
N VAL A 240 4.61 -30.44 -25.52
CA VAL A 240 5.28 -31.62 -26.09
C VAL A 240 5.08 -32.88 -25.26
N GLY A 241 4.40 -32.81 -24.12
CA GLY A 241 4.23 -33.96 -23.28
C GLY A 241 5.38 -34.27 -22.35
N ALA A 242 6.28 -33.32 -22.12
CA ALA A 242 7.35 -33.54 -21.16
C ALA A 242 6.79 -33.57 -19.74
N THR A 243 7.55 -34.17 -18.83
CA THR A 243 7.26 -34.18 -17.41
C THR A 243 7.93 -32.98 -16.76
N THR A 244 7.26 -32.35 -15.79
CA THR A 244 7.75 -31.15 -15.15
C THR A 244 7.91 -31.36 -13.65
N LEU A 245 9.10 -31.05 -13.15
CA LEU A 245 9.38 -30.99 -11.73
C LEU A 245 9.13 -29.59 -11.21
N LEU A 246 8.35 -29.49 -10.14
CA LEU A 246 8.04 -28.22 -9.51
C LEU A 246 8.55 -28.23 -8.07
N MET A 247 8.93 -27.05 -7.58
CA MET A 247 9.56 -26.90 -6.27
C MET A 247 9.05 -25.62 -5.63
N GLY A 248 8.39 -25.76 -4.48
CA GLY A 248 7.86 -24.57 -3.82
C GLY A 248 8.91 -23.73 -3.14
N GLU A 249 10.00 -24.34 -2.71
CA GLU A 249 10.93 -23.61 -1.88
C GLU A 249 11.86 -22.73 -2.73
N ARG A 250 12.59 -21.84 -2.02
CA ARG A 250 13.54 -20.92 -2.66
C ARG A 250 14.63 -21.73 -3.40
N PRO A 251 14.96 -21.38 -4.67
CA PRO A 251 15.95 -22.18 -5.46
C PRO A 251 17.41 -21.89 -5.13
N THR A 252 17.81 -22.26 -3.92
CA THR A 252 19.22 -22.22 -3.55
C THR A 252 20.00 -23.25 -4.36
N PRO A 253 21.33 -23.11 -4.46
CA PRO A 253 22.12 -24.16 -5.10
C PRO A 253 21.84 -25.54 -4.55
N ASP A 254 21.80 -25.69 -3.23
CA ASP A 254 21.56 -27.02 -2.67
C ASP A 254 20.18 -27.56 -3.03
N ALA A 255 19.15 -26.70 -3.04
CA ALA A 255 17.82 -27.17 -3.43
C ALA A 255 17.78 -27.59 -4.88
N VAL A 256 18.45 -26.83 -5.75
CA VAL A 256 18.50 -27.20 -7.16
C VAL A 256 19.28 -28.49 -7.34
N PHE A 257 20.44 -28.61 -6.70
CA PHE A 257 21.26 -29.82 -6.87
C PHE A 257 20.50 -31.06 -6.43
N LYS A 258 19.78 -30.97 -5.30
CA LYS A 258 19.01 -32.12 -4.84
C LYS A 258 18.10 -32.64 -5.93
N ARG A 259 17.49 -31.73 -6.70
CA ARG A 259 16.57 -32.17 -7.73
C ARG A 259 17.29 -32.64 -8.99
N TRP A 260 18.36 -31.92 -9.39
CA TRP A 260 19.20 -32.41 -10.49
C TRP A 260 19.60 -33.86 -10.28
N LEU A 261 19.91 -34.23 -9.02
CA LEU A 261 20.40 -35.56 -8.69
C LEU A 261 19.29 -36.59 -8.53
N GLY A 262 18.04 -36.17 -8.72
CA GLY A 262 16.93 -37.10 -8.68
C GLY A 262 16.34 -37.32 -7.33
N GLY A 263 16.49 -36.35 -6.41
CA GLY A 263 15.97 -36.48 -5.07
C GLY A 263 14.47 -36.35 -4.92
N VAL A 264 13.76 -35.97 -5.97
CA VAL A 264 12.31 -35.78 -5.92
C VAL A 264 11.65 -36.50 -7.09
N GLY A 265 10.57 -37.21 -6.80
CA GLY A 265 9.76 -37.81 -7.86
C GLY A 265 10.42 -38.94 -8.63
N GLY A 266 11.60 -39.38 -8.22
CA GLY A 266 12.27 -40.42 -8.98
C GLY A 266 12.78 -39.99 -10.34
N VAL A 267 12.81 -38.69 -10.61
CA VAL A 267 13.17 -38.20 -11.93
C VAL A 267 14.38 -37.28 -11.80
N LYS A 268 15.23 -37.32 -12.83
CA LYS A 268 16.32 -36.39 -12.98
C LYS A 268 16.02 -35.42 -14.09
N PRO A 269 16.06 -34.11 -13.84
CA PRO A 269 15.80 -33.15 -14.91
C PRO A 269 16.78 -33.28 -16.07
N THR A 270 16.25 -33.15 -17.28
CA THR A 270 17.06 -33.05 -18.49
C THR A 270 17.16 -31.63 -19.01
N VAL A 271 16.24 -30.74 -18.60
CA VAL A 271 16.23 -29.35 -19.03
C VAL A 271 16.13 -28.48 -17.79
N PHE A 272 17.09 -27.57 -17.62
CA PHE A 272 17.08 -26.65 -16.49
C PHE A 272 17.01 -25.22 -17.02
N TYR A 273 16.34 -24.36 -16.26
CA TYR A 273 16.21 -22.97 -16.59
C TYR A 273 16.45 -22.13 -15.35
N GLY A 274 17.13 -21.00 -15.50
CA GLY A 274 17.35 -20.12 -14.37
C GLY A 274 17.96 -18.80 -14.83
N ALA A 275 18.28 -17.97 -13.86
CA ALA A 275 18.93 -16.69 -14.13
C ALA A 275 20.46 -16.81 -14.03
N PRO A 276 21.21 -15.96 -14.75
CA PRO A 276 22.67 -15.97 -14.61
C PRO A 276 23.15 -15.90 -13.16
N THR A 277 22.51 -15.10 -12.31
CA THR A 277 22.88 -15.04 -10.90
C THR A 277 22.82 -16.42 -10.25
N GLY A 278 21.79 -17.21 -10.56
CA GLY A 278 21.72 -18.55 -10.01
C GLY A 278 22.79 -19.46 -10.56
N TYR A 279 23.10 -19.36 -11.85
CA TYR A 279 24.19 -20.14 -12.40
C TYR A 279 25.52 -19.78 -11.76
N ALA A 280 25.77 -18.49 -11.53
CA ALA A 280 26.99 -18.10 -10.79
C ALA A 280 27.01 -18.68 -9.39
N GLY A 281 25.88 -18.62 -8.68
CA GLY A 281 25.83 -19.19 -7.34
C GLY A 281 26.06 -20.68 -7.33
N MET A 282 25.53 -21.40 -8.32
CA MET A 282 25.76 -22.84 -8.34
C MET A 282 27.22 -23.16 -8.65
N LEU A 283 27.83 -22.41 -9.58
CA LEU A 283 29.21 -22.67 -9.94
C LEU A 283 30.15 -22.36 -8.78
N ALA A 284 29.73 -21.49 -7.87
CA ALA A 284 30.53 -21.17 -6.68
C ALA A 284 30.33 -22.18 -5.56
N ALA A 285 29.34 -23.05 -5.68
CA ALA A 285 28.96 -23.93 -4.59
C ALA A 285 29.97 -25.06 -4.44
N PRO A 286 30.41 -25.37 -3.21
CA PRO A 286 31.41 -26.43 -3.05
C PRO A 286 30.90 -27.80 -3.47
N ASN A 287 29.59 -28.03 -3.44
CA ASN A 287 29.03 -29.33 -3.78
C ASN A 287 28.39 -29.34 -5.17
N LEU A 288 28.86 -28.48 -6.07
CA LEU A 288 28.45 -28.51 -7.47
C LEU A 288 28.60 -29.93 -8.02
N PRO A 289 27.54 -30.53 -8.56
CA PRO A 289 27.63 -31.92 -9.03
C PRO A 289 28.56 -32.04 -10.23
N SER A 290 29.13 -33.22 -10.38
CA SER A 290 29.89 -33.52 -11.58
C SER A 290 28.94 -33.89 -12.72
N ARG A 291 29.43 -33.76 -13.96
CA ARG A 291 28.49 -33.93 -15.07
C ARG A 291 28.02 -35.37 -15.19
N ASP A 292 28.77 -36.34 -14.64
CA ASP A 292 28.29 -37.71 -14.66
C ASP A 292 27.16 -37.95 -13.68
N GLN A 293 26.91 -37.03 -12.75
CA GLN A 293 25.86 -37.19 -11.77
C GLN A 293 24.51 -36.67 -12.24
N VAL A 294 24.46 -35.91 -13.34
CA VAL A 294 23.24 -35.22 -13.74
C VAL A 294 22.82 -35.72 -15.11
N ALA A 295 21.58 -35.41 -15.47
CA ALA A 295 21.00 -35.82 -16.74
C ALA A 295 20.71 -34.63 -17.63
N LEU A 296 21.25 -33.46 -17.29
CA LEU A 296 21.00 -32.26 -18.07
C LEU A 296 21.48 -32.41 -19.50
N ARG A 297 20.60 -32.09 -20.45
CA ARG A 297 20.98 -31.96 -21.86
C ARG A 297 20.84 -30.55 -22.39
N LEU A 298 20.20 -29.64 -21.63
CA LEU A 298 19.91 -28.29 -22.07
C LEU A 298 19.81 -27.42 -20.83
N ALA A 299 20.49 -26.29 -20.87
CA ALA A 299 20.51 -25.33 -19.78
C ALA A 299 20.14 -23.96 -20.35
N SER A 300 19.00 -23.43 -19.94
CA SER A 300 18.47 -22.17 -20.43
C SER A 300 18.69 -21.07 -19.40
N SER A 301 18.93 -19.85 -19.87
CA SER A 301 19.05 -18.70 -18.98
CA SER A 301 19.02 -18.70 -18.96
C SER A 301 18.26 -17.50 -19.54
N ALA A 302 17.70 -16.71 -18.63
CA ALA A 302 17.03 -15.45 -18.97
C ALA A 302 17.01 -14.57 -17.73
N GLY A 303 16.73 -13.29 -17.95
CA GLY A 303 16.42 -12.36 -16.87
C GLY A 303 17.44 -11.27 -16.66
N GLU A 304 18.70 -11.52 -16.99
CA GLU A 304 19.74 -10.51 -17.06
C GLU A 304 20.73 -11.05 -18.06
N ALA A 305 21.60 -10.18 -18.56
CA ALA A 305 22.61 -10.65 -19.50
C ALA A 305 23.46 -11.72 -18.83
N LEU A 306 23.75 -12.78 -19.57
CA LEU A 306 24.63 -13.82 -19.06
C LEU A 306 26.07 -13.36 -19.24
N PRO A 307 26.83 -13.15 -18.17
CA PRO A 307 28.25 -12.81 -18.36
C PRO A 307 28.97 -13.96 -19.02
N ALA A 308 29.81 -13.62 -19.99
CA ALA A 308 30.46 -14.65 -20.79
C ALA A 308 31.21 -15.65 -19.91
N GLU A 309 31.87 -15.16 -18.85
CA GLU A 309 32.67 -16.08 -18.04
C GLU A 309 31.79 -17.10 -17.30
N ILE A 310 30.55 -16.74 -16.97
CA ILE A 310 29.65 -17.70 -16.33
C ILE A 310 29.32 -18.82 -17.30
N GLY A 311 28.96 -18.47 -18.54
CA GLY A 311 28.68 -19.48 -19.55
C GLY A 311 29.89 -20.35 -19.83
N GLN A 312 31.06 -19.72 -20.00
CA GLN A 312 32.28 -20.49 -20.29
C GLN A 312 32.64 -21.42 -19.14
N ARG A 313 32.51 -20.97 -17.89
CA ARG A 313 32.79 -21.86 -16.75
C ARG A 313 31.80 -23.03 -16.70
N PHE A 314 30.52 -22.76 -16.92
CA PHE A 314 29.54 -23.84 -16.94
C PHE A 314 29.86 -24.85 -18.04
N GLN A 315 30.25 -24.36 -19.20
CA GLN A 315 30.54 -25.25 -20.31
C GLN A 315 31.79 -26.07 -20.02
N ARG A 316 32.81 -25.45 -19.41
CA ARG A 316 34.02 -26.20 -19.05
C ARG A 316 33.71 -27.27 -18.01
N HIS A 317 32.82 -26.98 -17.06
CA HIS A 317 32.53 -27.97 -16.02
C HIS A 317 31.60 -29.07 -16.53
N PHE A 318 30.52 -28.71 -17.21
CA PHE A 318 29.48 -29.68 -17.55
C PHE A 318 29.55 -30.19 -18.98
N GLY A 319 30.31 -29.54 -19.86
CA GLY A 319 30.23 -29.92 -21.27
C GLY A 319 28.90 -29.56 -21.87
N LEU A 320 28.23 -28.56 -21.31
CA LEU A 320 26.96 -28.04 -21.77
C LEU A 320 27.05 -26.53 -21.83
N ASP A 321 26.54 -25.93 -22.91
CA ASP A 321 26.44 -24.48 -22.89
C ASP A 321 25.25 -24.03 -22.05
N ILE A 322 25.28 -22.77 -21.63
CA ILE A 322 24.07 -22.10 -21.16
C ILE A 322 23.49 -21.33 -22.33
N VAL A 323 22.21 -21.55 -22.63
CA VAL A 323 21.56 -20.95 -23.79
C VAL A 323 20.78 -19.73 -23.30
N ASP A 324 21.35 -18.55 -23.55
CA ASP A 324 20.86 -17.25 -23.07
C ASP A 324 19.88 -16.69 -24.09
N GLY A 325 18.67 -16.35 -23.65
CA GLY A 325 17.72 -15.65 -24.49
C GLY A 325 17.06 -14.56 -23.69
N ILE A 326 16.52 -13.56 -24.39
CA ILE A 326 15.83 -12.46 -23.72
C ILE A 326 14.38 -12.48 -24.16
N GLY A 327 13.49 -12.50 -23.18
CA GLY A 327 12.10 -12.22 -23.40
C GLY A 327 11.66 -11.09 -22.49
N SER A 328 10.35 -10.95 -22.31
CA SER A 328 9.83 -9.96 -21.38
C SER A 328 8.45 -10.41 -20.96
N THR A 329 7.94 -9.77 -19.90
CA THR A 329 6.55 -10.04 -19.52
C THR A 329 5.62 -9.73 -20.68
N GLU A 330 5.90 -8.65 -21.40
CA GLU A 330 5.02 -8.21 -22.48
C GLU A 330 5.06 -9.15 -23.69
N MET A 331 6.24 -9.70 -24.03
CA MET A 331 6.34 -10.61 -25.16
C MET A 331 6.19 -12.07 -24.77
N LEU A 332 6.12 -12.34 -23.46
CA LEU A 332 5.84 -13.64 -22.84
C LEU A 332 7.02 -14.61 -22.86
N ALA A 333 7.74 -14.76 -23.97
CA ALA A 333 8.92 -15.63 -23.99
C ALA A 333 9.99 -14.98 -24.86
N ALA A 334 11.07 -15.73 -25.10
CA ALA A 334 12.23 -15.17 -25.77
C ALA A 334 11.92 -14.79 -27.21
N PHE A 335 12.38 -13.60 -27.60
CA PHE A 335 12.32 -13.15 -28.98
C PHE A 335 13.72 -12.98 -29.59
N LEU A 336 14.76 -12.96 -28.77
CA LEU A 336 16.15 -13.08 -29.20
C LEU A 336 16.76 -14.20 -28.39
N SER A 337 17.51 -15.09 -29.04
CA SER A 337 18.05 -16.19 -28.26
C SER A 337 19.24 -16.81 -28.98
N ASN A 338 20.20 -17.26 -28.17
CA ASN A 338 21.13 -18.27 -28.64
C ASN A 338 20.36 -19.57 -28.91
N LEU A 339 20.99 -20.46 -29.67
CA LEU A 339 20.42 -21.76 -30.00
C LEU A 339 21.12 -22.87 -29.23
N PRO A 340 20.46 -24.02 -29.03
CA PRO A 340 21.16 -25.13 -28.36
C PRO A 340 22.50 -25.47 -29.00
N ASP A 341 22.65 -25.31 -30.31
CA ASP A 341 23.92 -25.61 -30.98
C ASP A 341 24.56 -24.38 -31.61
N ARG A 342 24.15 -23.18 -31.21
CA ARG A 342 24.77 -21.96 -31.71
C ARG A 342 24.77 -20.97 -30.57
N VAL A 343 25.90 -20.84 -29.89
CA VAL A 343 26.03 -20.01 -28.70
C VAL A 343 27.18 -19.04 -28.90
N ARG A 344 26.90 -17.74 -28.76
CA ARG A 344 27.95 -16.72 -28.73
C ARG A 344 27.86 -16.00 -27.38
N TYR A 345 28.74 -16.36 -26.45
CA TYR A 345 28.73 -15.70 -25.16
C TYR A 345 29.06 -14.22 -25.33
N GLY A 346 28.50 -13.41 -24.46
CA GLY A 346 28.55 -11.97 -24.61
C GLY A 346 27.47 -11.39 -25.50
N THR A 347 26.58 -12.23 -26.03
CA THR A 347 25.45 -11.78 -26.83
C THR A 347 24.21 -12.54 -26.41
N THR A 348 23.05 -12.00 -26.75
CA THR A 348 21.80 -12.71 -26.58
C THR A 348 21.38 -13.45 -27.86
N GLY A 349 22.31 -13.67 -28.78
CA GLY A 349 21.99 -14.50 -29.93
C GLY A 349 21.21 -13.75 -31.01
N TRP A 350 20.33 -14.50 -31.67
CA TRP A 350 19.72 -14.09 -32.92
C TRP A 350 18.21 -14.03 -32.78
N PRO A 351 17.53 -13.28 -33.64
CA PRO A 351 16.07 -13.25 -33.59
C PRO A 351 15.47 -14.65 -33.64
N VAL A 352 14.50 -14.89 -32.79
CA VAL A 352 13.75 -16.14 -32.82
C VAL A 352 12.83 -16.14 -34.04
N PRO A 353 12.87 -17.15 -34.91
CA PRO A 353 11.98 -17.15 -36.09
C PRO A 353 10.53 -16.96 -35.70
N GLY A 354 9.85 -16.07 -36.43
CA GLY A 354 8.53 -15.61 -36.08
C GLY A 354 8.51 -14.24 -35.45
N TYR A 355 9.65 -13.72 -35.03
CA TYR A 355 9.77 -12.42 -34.41
C TYR A 355 10.67 -11.52 -35.25
N GLN A 356 10.22 -10.29 -35.50
CA GLN A 356 11.03 -9.28 -36.14
C GLN A 356 11.57 -8.32 -35.10
N ILE A 357 12.83 -7.92 -35.25
CA ILE A 357 13.56 -7.11 -34.30
C ILE A 357 14.02 -5.83 -34.99
N GLU A 358 13.85 -4.69 -34.32
CA GLU A 358 14.33 -3.40 -34.82
C GLU A 358 15.08 -2.67 -33.72
N LEU A 359 16.19 -2.03 -34.07
CA LEU A 359 16.87 -1.06 -33.22
C LEU A 359 16.61 0.33 -33.79
N ARG A 360 16.08 1.23 -32.95
CA ARG A 360 15.66 2.55 -33.38
C ARG A 360 16.43 3.63 -32.65
N GLY A 361 16.78 4.71 -33.37
CA GLY A 361 17.57 5.79 -32.82
C GLY A 361 16.71 6.89 -32.21
N ASP A 362 17.37 8.01 -31.89
CA ASP A 362 16.69 9.09 -31.17
C ASP A 362 15.57 9.73 -31.98
N GLY A 363 15.50 9.48 -33.29
CA GLY A 363 14.37 9.88 -34.10
C GLY A 363 13.47 8.77 -34.57
N GLY A 364 13.66 7.54 -34.10
CA GLY A 364 12.83 6.44 -34.52
C GLY A 364 13.30 5.73 -35.76
N GLY A 365 14.45 6.11 -36.30
CA GLY A 365 14.94 5.51 -37.52
C GLY A 365 16.04 4.50 -37.27
N PRO A 366 16.62 3.99 -38.37
CA PRO A 366 17.64 2.95 -38.25
C PRO A 366 18.89 3.45 -37.53
N VAL A 367 19.50 2.54 -36.76
CA VAL A 367 20.83 2.76 -36.23
C VAL A 367 21.79 1.89 -37.04
N ALA A 368 23.02 2.36 -37.17
CA ALA A 368 24.01 1.61 -37.93
C ALA A 368 24.52 0.42 -37.11
N ASP A 369 24.93 -0.62 -37.81
CA ASP A 369 25.47 -1.80 -37.16
C ASP A 369 26.64 -1.41 -36.25
N GLY A 370 26.63 -1.92 -35.04
CA GLY A 370 27.64 -1.57 -34.06
C GLY A 370 27.25 -0.42 -33.16
N GLU A 371 26.14 0.24 -33.43
CA GLU A 371 25.66 1.36 -32.67
C GLU A 371 24.42 0.97 -31.85
N PRO A 372 24.30 1.47 -30.63
CA PRO A 372 23.14 1.14 -29.81
C PRO A 372 21.86 1.77 -30.34
N GLY A 373 20.75 1.08 -30.13
CA GLY A 373 19.44 1.60 -30.45
C GLY A 373 18.43 1.00 -29.51
N ASP A 374 17.26 1.64 -29.44
CA ASP A 374 16.16 1.14 -28.63
C ASP A 374 15.54 -0.10 -29.29
N LEU A 375 15.38 -1.17 -28.51
CA LEU A 375 14.92 -2.44 -29.06
C LEU A 375 13.40 -2.46 -29.14
N TYR A 376 12.89 -2.81 -30.32
CA TYR A 376 11.46 -3.02 -30.55
C TYR A 376 11.24 -4.38 -31.17
N ILE A 377 10.10 -5.02 -30.83
CA ILE A 377 9.80 -6.39 -31.22
C ILE A 377 8.43 -6.45 -31.89
N HIS A 378 8.38 -7.06 -33.06
CA HIS A 378 7.12 -7.39 -33.73
C HIS A 378 6.96 -8.91 -33.76
N GLY A 379 6.08 -9.43 -32.92
CA GLY A 379 5.88 -10.86 -32.80
C GLY A 379 4.48 -11.23 -32.37
N PRO A 380 4.08 -12.48 -32.57
CA PRO A 380 2.68 -12.89 -32.36
C PRO A 380 2.31 -13.16 -30.91
N SER A 381 3.24 -13.04 -29.98
CA SER A 381 2.96 -13.32 -28.58
C SER A 381 2.82 -12.05 -27.74
N SER A 382 2.80 -10.86 -28.36
CA SER A 382 2.76 -9.65 -27.58
C SER A 382 1.46 -9.52 -26.80
N ALA A 383 1.59 -9.06 -25.56
CA ALA A 383 0.46 -8.65 -24.77
C ALA A 383 -0.29 -7.59 -25.57
N THR A 384 -1.56 -7.40 -25.26
CA THR A 384 -2.39 -6.47 -26.01
C THR A 384 -2.37 -5.06 -25.43
N MET A 385 -2.08 -4.94 -24.14
CA MET A 385 -2.24 -3.67 -23.44
C MET A 385 -1.78 -3.86 -22.01
N TYR A 386 -1.63 -2.74 -21.32
CA TYR A 386 -1.65 -2.69 -19.87
C TYR A 386 -3.07 -2.34 -19.46
N TRP A 387 -3.75 -3.26 -18.78
CA TRP A 387 -5.16 -3.07 -18.43
C TRP A 387 -5.38 -1.78 -17.66
N GLY A 388 -6.27 -0.95 -18.18
CA GLY A 388 -6.62 0.25 -17.45
C GLY A 388 -5.60 1.37 -17.49
N ASN A 389 -4.51 1.23 -18.25
CA ASN A 389 -3.51 2.29 -18.34
C ASN A 389 -3.26 2.57 -19.83
N ARG A 390 -4.08 3.43 -20.42
CA ARG A 390 -3.96 3.69 -21.86
C ARG A 390 -2.70 4.48 -22.18
N ALA A 391 -2.27 5.37 -21.27
CA ALA A 391 -1.09 6.17 -21.53
C ALA A 391 0.16 5.30 -21.61
N LYS A 392 0.37 4.43 -20.63
CA LYS A 392 1.54 3.56 -20.69
C LYS A 392 1.41 2.54 -21.80
N SER A 393 0.19 2.10 -22.11
CA SER A 393 -0.03 1.21 -23.25
C SER A 393 0.38 1.88 -24.56
N ARG A 394 0.01 3.15 -24.74
CA ARG A 394 0.37 3.85 -25.98
C ARG A 394 1.89 3.92 -26.14
N ASP A 395 2.60 4.18 -25.04
CA ASP A 395 4.05 4.27 -25.09
C ASP A 395 4.70 2.93 -25.47
N THR A 396 4.05 1.80 -25.20
CA THR A 396 4.69 0.49 -25.32
C THR A 396 4.24 -0.32 -26.51
N PHE A 397 2.95 -0.36 -26.78
CA PHE A 397 2.36 -1.19 -27.83
C PHE A 397 1.88 -0.23 -28.92
N GLN A 398 2.64 -0.15 -29.99
CA GLN A 398 2.36 0.80 -31.06
C GLN A 398 2.33 0.08 -32.38
N GLY A 399 1.13 -0.19 -32.89
CA GLY A 399 0.98 -0.65 -34.23
C GLY A 399 1.80 -1.87 -34.56
N GLY A 400 1.63 -2.93 -33.78
CA GLY A 400 2.30 -4.18 -34.02
C GLY A 400 3.68 -4.30 -33.41
N TRP A 401 4.27 -3.20 -32.98
CA TRP A 401 5.58 -3.21 -32.36
C TRP A 401 5.47 -2.99 -30.87
N THR A 402 6.36 -3.66 -30.12
CA THR A 402 6.40 -3.57 -28.67
C THR A 402 7.76 -3.04 -28.25
N LYS A 403 7.77 -1.93 -27.52
CA LYS A 403 8.99 -1.32 -27.05
C LYS A 403 9.46 -2.05 -25.81
N SER A 404 10.69 -2.57 -25.83
CA SER A 404 11.15 -3.37 -24.71
C SER A 404 11.68 -2.53 -23.56
N GLY A 405 12.13 -1.31 -23.82
CA GLY A 405 12.85 -0.54 -22.81
C GLY A 405 14.32 -0.88 -22.69
N ASP A 406 14.82 -1.82 -23.48
CA ASP A 406 16.23 -2.12 -23.55
C ASP A 406 16.88 -1.42 -24.73
N LYS A 407 18.19 -1.23 -24.62
CA LYS A 407 19.04 -0.83 -25.72
C LYS A 407 19.93 -2.00 -26.12
N TYR A 408 20.18 -2.15 -27.41
CA TYR A 408 20.97 -3.25 -27.93
C TYR A 408 21.84 -2.76 -29.07
N VAL A 409 22.87 -3.55 -29.36
CA VAL A 409 23.79 -3.34 -30.48
C VAL A 409 23.76 -4.61 -31.33
N ARG A 410 23.59 -4.45 -32.64
CA ARG A 410 23.66 -5.60 -33.54
C ARG A 410 25.08 -5.77 -34.04
N ASN A 411 25.59 -6.99 -33.92
CA ASN A 411 26.94 -7.29 -34.36
C ASN A 411 26.92 -7.77 -35.81
N ASP A 412 28.12 -7.89 -36.39
CA ASP A 412 28.24 -8.23 -37.81
C ASP A 412 27.69 -9.62 -38.13
N ASP A 413 27.62 -10.52 -37.17
CA ASP A 413 27.06 -11.85 -37.42
C ASP A 413 25.55 -11.90 -37.18
N GLY A 414 24.91 -10.75 -36.97
CA GLY A 414 23.49 -10.70 -36.73
C GLY A 414 23.09 -10.93 -35.30
N SER A 415 24.03 -11.24 -34.42
CA SER A 415 23.72 -11.37 -33.00
C SER A 415 23.54 -9.99 -32.37
N TYR A 416 22.99 -9.98 -31.16
CA TYR A 416 22.64 -8.75 -30.46
C TYR A 416 23.31 -8.73 -29.10
N THR A 417 23.90 -7.59 -28.74
CA THR A 417 24.60 -7.44 -27.48
C THR A 417 23.94 -6.36 -26.64
N TYR A 418 23.58 -6.72 -25.41
CA TYR A 418 22.83 -5.84 -24.52
C TYR A 418 23.60 -4.56 -24.22
N ALA A 419 22.90 -3.43 -24.24
CA ALA A 419 23.55 -2.13 -24.10
C ALA A 419 22.90 -1.26 -23.03
N GLY A 420 22.13 -1.83 -22.13
CA GLY A 420 21.56 -1.08 -21.02
C GLY A 420 20.08 -0.81 -21.21
N ARG A 421 19.53 -0.05 -20.28
CA ARG A 421 18.11 0.26 -20.24
C ARG A 421 17.86 1.69 -20.68
N THR A 422 16.60 1.97 -20.99
CA THR A 422 16.15 3.33 -21.26
C THR A 422 15.34 3.93 -20.13
N ASP A 423 15.27 3.26 -18.95
CA ASP A 423 14.32 3.66 -17.93
C ASP A 423 14.80 3.48 -16.49
N ASP A 424 16.09 3.41 -16.25
CA ASP A 424 16.68 3.37 -14.91
C ASP A 424 16.48 2.05 -14.16
N MET A 425 15.62 1.15 -14.67
CA MET A 425 15.43 -0.13 -14.01
C MET A 425 16.71 -0.94 -13.98
N LEU A 426 16.89 -1.70 -12.91
CA LEU A 426 17.97 -2.67 -12.82
C LEU A 426 17.41 -4.07 -12.95
N LYS A 427 18.23 -4.97 -13.48
CA LYS A 427 17.91 -6.38 -13.47
C LYS A 427 18.91 -7.05 -12.54
N VAL A 428 18.45 -7.42 -11.36
CA VAL A 428 19.28 -7.96 -10.30
C VAL A 428 18.77 -9.37 -10.00
N SER A 429 19.67 -10.35 -9.98
CA SER A 429 19.24 -11.74 -9.88
C SER A 429 18.21 -12.07 -10.94
N GLY A 430 18.32 -11.40 -12.10
CA GLY A 430 17.39 -11.55 -13.20
C GLY A 430 15.97 -11.04 -12.93
N ILE A 431 15.78 -10.11 -11.99
CA ILE A 431 14.47 -9.63 -11.59
C ILE A 431 14.49 -8.10 -11.57
N TYR A 432 13.37 -7.48 -12.00
CA TYR A 432 13.35 -6.02 -12.13
C TYR A 432 13.30 -5.38 -10.75
N VAL A 433 14.24 -4.46 -10.51
CA VAL A 433 14.29 -3.68 -9.28
C VAL A 433 14.45 -2.20 -9.66
N SER A 434 13.61 -1.35 -9.08
CA SER A 434 13.71 0.09 -9.34
C SER A 434 14.66 0.74 -8.34
N PRO A 435 15.69 1.44 -8.80
CA PRO A 435 16.55 2.15 -7.84
C PRO A 435 15.79 3.17 -7.03
N PHE A 436 14.73 3.74 -7.61
CA PHE A 436 13.96 4.75 -6.89
C PHE A 436 13.21 4.14 -5.71
N GLU A 437 12.78 2.88 -5.80
CA GLU A 437 12.15 2.26 -4.64
C GLU A 437 13.16 2.12 -3.50
N ILE A 438 14.35 1.64 -3.83
CA ILE A 438 15.37 1.49 -2.80
C ILE A 438 15.71 2.85 -2.17
N GLU A 439 15.85 3.89 -3.00
CA GLU A 439 16.17 5.23 -2.46
C GLU A 439 15.08 5.72 -1.51
N ALA A 440 13.82 5.54 -1.89
CA ALA A 440 12.71 5.99 -1.05
C ALA A 440 12.65 5.22 0.26
N THR A 441 13.10 3.97 0.25
CA THR A 441 13.19 3.23 1.51
C THR A 441 14.32 3.77 2.37
N LEU A 442 15.48 4.01 1.76
CA LEU A 442 16.63 4.47 2.54
C LEU A 442 16.38 5.80 3.22
N VAL A 443 15.75 6.76 2.50
CA VAL A 443 15.57 8.07 3.10
CA VAL A 443 15.53 8.08 3.06
C VAL A 443 14.54 8.06 4.23
N GLN A 444 13.83 6.96 4.44
CA GLN A 444 12.93 6.88 5.59
C GLN A 444 13.65 6.48 6.87
N HIS A 445 14.94 6.18 6.80
CA HIS A 445 15.70 6.02 8.03
C HIS A 445 16.00 7.39 8.62
N PRO A 446 15.79 7.60 9.92
CA PRO A 446 15.91 8.96 10.47
C PRO A 446 17.31 9.55 10.37
N GLY A 447 18.34 8.72 10.19
CA GLY A 447 19.71 9.16 10.08
C GLY A 447 20.20 9.39 8.67
N VAL A 448 19.33 9.21 7.68
CA VAL A 448 19.68 9.38 6.27
C VAL A 448 19.10 10.70 5.79
N LEU A 449 19.95 11.52 5.17
CA LEU A 449 19.49 12.78 4.59
C LEU A 449 19.08 12.59 3.13
N GLU A 450 19.93 11.92 2.35
CA GLU A 450 19.72 11.72 0.92
C GLU A 450 20.23 10.34 0.56
N ALA A 451 19.72 9.79 -0.55
CA ALA A 451 20.21 8.50 -1.03
C ALA A 451 20.08 8.42 -2.54
N ALA A 452 21.09 7.84 -3.16
CA ALA A 452 21.06 7.53 -4.58
C ALA A 452 21.52 6.09 -4.77
N VAL A 453 20.81 5.36 -5.62
CA VAL A 453 21.11 3.96 -5.90
C VAL A 453 21.37 3.80 -7.39
N VAL A 454 22.48 3.14 -7.73
CA VAL A 454 22.84 2.84 -9.10
C VAL A 454 23.18 1.36 -9.21
N GLY A 455 23.23 0.87 -10.44
CA GLY A 455 23.64 -0.50 -10.69
C GLY A 455 25.13 -0.58 -10.94
N VAL A 456 25.79 -1.54 -10.29
CA VAL A 456 27.21 -1.78 -10.48
C VAL A 456 27.44 -3.27 -10.70
N ALA A 457 28.27 -3.61 -11.69
CA ALA A 457 28.60 -5.02 -11.93
C ALA A 457 29.50 -5.54 -10.82
N ASP A 458 29.23 -6.76 -10.36
CA ASP A 458 30.00 -7.34 -9.28
C ASP A 458 31.19 -8.11 -9.86
N GLU A 459 31.83 -8.97 -9.05
CA GLU A 459 33.03 -9.67 -9.48
C GLU A 459 32.77 -10.62 -10.64
N HIS A 460 31.53 -11.04 -10.85
CA HIS A 460 31.16 -11.91 -11.96
C HIS A 460 30.48 -11.17 -13.10
N GLY A 461 30.49 -9.84 -13.07
CA GLY A 461 29.84 -9.04 -14.10
C GLY A 461 28.34 -8.91 -13.95
N LEU A 462 27.77 -9.30 -12.80
CA LEU A 462 26.33 -9.24 -12.58
C LEU A 462 25.96 -7.93 -11.88
N THR A 463 24.95 -7.25 -12.40
CA THR A 463 24.57 -5.94 -11.85
C THR A 463 23.84 -6.11 -10.52
N LYS A 464 24.31 -5.39 -9.50
CA LYS A 464 23.68 -5.33 -8.18
C LYS A 464 23.47 -3.87 -7.83
N PRO A 465 22.52 -3.56 -6.96
CA PRO A 465 22.36 -2.15 -6.54
C PRO A 465 23.51 -1.74 -5.65
N LYS A 466 23.89 -0.47 -5.77
CA LYS A 466 24.87 0.16 -4.91
C LYS A 466 24.29 1.47 -4.42
N ALA A 467 24.33 1.71 -3.12
CA ALA A 467 23.72 2.88 -2.51
C ALA A 467 24.78 3.89 -2.12
N TYR A 468 24.54 5.16 -2.45
CA TYR A 468 25.34 6.28 -1.96
C TYR A 468 24.46 7.10 -1.03
N VAL A 469 24.87 7.23 0.23
CA VAL A 469 24.02 7.78 1.27
C VAL A 469 24.70 9.00 1.89
N VAL A 470 23.95 10.09 1.99
CA VAL A 470 24.37 11.26 2.76
C VAL A 470 23.72 11.15 4.14
N PRO A 471 24.50 10.97 5.21
CA PRO A 471 23.88 10.91 6.54
C PRO A 471 23.41 12.29 6.97
N ARG A 472 22.40 12.29 7.81
CA ARG A 472 21.98 13.52 8.42
C ARG A 472 23.04 13.96 9.43
N PRO A 473 23.51 15.21 9.37
CA PRO A 473 24.48 15.67 10.38
C PRO A 473 23.83 15.69 11.76
N GLY A 474 24.62 15.31 12.77
CA GLY A 474 24.12 15.24 14.12
C GLY A 474 23.47 13.94 14.50
N GLN A 475 23.46 12.96 13.61
CA GLN A 475 23.00 11.61 13.89
C GLN A 475 24.15 10.66 13.63
N THR A 476 24.27 9.64 14.48
CA THR A 476 25.16 8.52 14.22
C THR A 476 24.41 7.49 13.40
N LEU A 477 25.07 6.97 12.36
CA LEU A 477 24.45 5.99 11.49
C LEU A 477 25.54 5.11 10.92
N SER A 478 25.48 3.82 11.22
CA SER A 478 26.47 2.86 10.79
C SER A 478 25.95 2.03 9.63
N GLU A 479 26.88 1.41 8.90
CA GLU A 479 26.49 0.52 7.81
C GLU A 479 25.66 -0.66 8.32
N THR A 480 25.97 -1.17 9.52
CA THR A 480 25.24 -2.31 10.03
C THR A 480 23.79 -1.95 10.36
N GLU A 481 23.58 -0.78 10.99
CA GLU A 481 22.22 -0.37 11.34
C GLU A 481 21.38 -0.13 10.09
N LEU A 482 22.00 0.39 9.03
CA LEU A 482 21.27 0.54 7.78
C LEU A 482 20.91 -0.82 7.19
N LYS A 483 21.83 -1.79 7.29
CA LYS A 483 21.52 -3.16 6.85
C LYS A 483 20.36 -3.74 7.65
N THR A 484 20.35 -3.53 8.96
CA THR A 484 19.25 -4.00 9.79
C THR A 484 17.94 -3.32 9.37
N PHE A 485 17.99 -2.02 9.12
CA PHE A 485 16.79 -1.25 8.77
C PHE A 485 16.10 -1.81 7.53
N ILE A 486 16.87 -2.12 6.49
CA ILE A 486 16.26 -2.54 5.23
C ILE A 486 16.00 -4.04 5.17
N LYS A 487 16.37 -4.79 6.22
CA LYS A 487 16.26 -6.25 6.18
C LYS A 487 14.82 -6.70 5.94
N ASP A 488 13.88 -6.22 6.75
CA ASP A 488 12.49 -6.62 6.59
C ASP A 488 11.68 -5.61 5.78
N ARG A 489 12.31 -4.56 5.27
CA ARG A 489 11.60 -3.56 4.48
C ARG A 489 11.69 -3.81 2.99
N LEU A 490 12.68 -4.58 2.55
CA LEU A 490 12.87 -4.87 1.16
C LEU A 490 13.14 -6.36 1.00
N ALA A 491 12.71 -6.90 -0.12
CA ALA A 491 13.05 -8.27 -0.46
C ALA A 491 14.57 -8.39 -0.66
N PRO A 492 15.15 -9.55 -0.32
CA PRO A 492 16.62 -9.67 -0.33
C PRO A 492 17.29 -9.39 -1.68
N TYR A 493 16.65 -9.69 -2.81
CA TYR A 493 17.29 -9.38 -4.09
C TYR A 493 17.47 -7.89 -4.31
N LYS A 494 16.76 -7.05 -3.55
CA LYS A 494 16.87 -5.61 -3.68
C LYS A 494 17.91 -4.99 -2.77
N TYR A 495 18.50 -5.78 -1.86
CA TYR A 495 19.49 -5.24 -0.94
C TYR A 495 20.64 -4.62 -1.73
N PRO A 496 21.02 -3.37 -1.45
CA PRO A 496 22.28 -2.87 -2.00
C PRO A 496 23.41 -3.80 -1.64
N ARG A 497 24.31 -4.02 -2.59
CA ARG A 497 25.44 -4.90 -2.35
C ARG A 497 26.49 -4.20 -1.52
N SER A 498 26.60 -2.88 -1.64
CA SER A 498 27.37 -2.09 -0.69
C SER A 498 26.72 -0.72 -0.57
N THR A 499 27.07 -0.04 0.51
CA THR A 499 26.62 1.33 0.75
C THR A 499 27.85 2.18 0.99
N VAL A 500 27.92 3.31 0.30
CA VAL A 500 29.01 4.26 0.50
C VAL A 500 28.40 5.50 1.13
N PHE A 501 28.93 5.90 2.28
CA PHE A 501 28.53 7.15 2.89
C PHE A 501 29.34 8.28 2.29
N VAL A 502 28.66 9.30 1.81
CA VAL A 502 29.29 10.45 1.17
C VAL A 502 28.78 11.72 1.85
N ALA A 503 29.55 12.80 1.70
CA ALA A 503 29.16 14.08 2.30
C ALA A 503 28.16 14.84 1.46
N GLU A 504 28.09 14.58 0.16
CA GLU A 504 27.15 15.24 -0.75
C GLU A 504 26.96 14.33 -1.95
N LEU A 505 25.87 14.61 -2.71
CA LEU A 505 25.65 13.90 -3.97
C LEU A 505 25.79 14.86 -5.13
N PRO A 506 26.33 14.40 -6.26
CA PRO A 506 26.46 15.28 -7.43
C PRO A 506 25.08 15.62 -7.96
N LYS A 507 24.80 16.91 -8.05
CA LYS A 507 23.51 17.37 -8.55
C LYS A 507 23.72 18.40 -9.65
N THR A 508 22.78 18.44 -10.57
CA THR A 508 22.78 19.51 -11.54
C THR A 508 22.56 20.84 -10.83
N ALA A 509 22.76 21.95 -11.55
CA ALA A 509 22.40 23.25 -11.00
C ALA A 509 20.96 23.29 -10.48
N THR A 510 20.18 22.22 -10.70
CA THR A 510 18.74 22.17 -10.49
C THR A 510 18.32 21.30 -9.32
N GLY A 511 19.12 20.31 -8.92
CA GLY A 511 18.77 19.44 -7.82
C GLY A 511 18.55 18.00 -8.19
N LYS A 512 18.52 17.67 -9.48
CA LYS A 512 18.44 16.28 -9.92
C LYS A 512 19.78 15.58 -9.68
N ILE A 513 19.73 14.36 -9.14
CA ILE A 513 20.97 13.64 -8.86
C ILE A 513 21.59 13.20 -10.17
N GLN A 514 22.88 13.49 -10.34
CA GLN A 514 23.60 13.08 -11.56
C GLN A 514 24.09 11.65 -11.37
N ARG A 515 23.17 10.71 -11.55
CA ARG A 515 23.47 9.31 -11.25
C ARG A 515 24.55 8.75 -12.14
N PHE A 516 24.76 9.33 -13.33
CA PHE A 516 25.79 8.78 -14.20
C PHE A 516 27.17 9.00 -13.60
N LYS A 517 27.35 10.11 -12.86
CA LYS A 517 28.64 10.35 -12.21
C LYS A 517 28.91 9.31 -11.13
N LEU A 518 27.86 8.78 -10.50
CA LEU A 518 28.05 7.73 -9.51
C LEU A 518 28.40 6.40 -10.17
N ARG A 519 27.83 6.12 -11.34
CA ARG A 519 28.22 4.92 -12.07
C ARG A 519 29.63 5.07 -12.63
N GLU A 520 29.99 6.27 -13.06
CA GLU A 520 31.36 6.54 -13.53
C GLU A 520 32.36 6.54 -12.39
N GLY A 521 31.92 6.41 -11.15
CA GLY A 521 32.81 6.28 -10.02
C GLY A 521 33.33 7.56 -9.42
N VAL A 522 32.70 8.70 -9.71
CA VAL A 522 33.19 10.01 -9.25
C VAL A 522 33.33 10.05 -7.74
N LEU A 523 32.53 9.25 -7.02
CA LEU A 523 32.60 9.20 -5.56
C LEU A 523 32.96 7.79 -5.09
N VAL B 6 -28.67 30.67 15.36
CA VAL B 6 -27.59 30.92 14.41
C VAL B 6 -28.14 31.12 13.00
N THR B 7 -27.77 32.23 12.40
CA THR B 7 -28.25 32.49 11.05
C THR B 7 -27.48 31.64 10.04
N PRO B 8 -28.19 31.02 9.09
CA PRO B 8 -27.50 30.22 8.08
C PRO B 8 -26.54 31.08 7.29
N PRO B 9 -25.46 30.49 6.77
CA PRO B 9 -24.59 31.25 5.89
C PRO B 9 -25.32 31.60 4.60
N PRO B 10 -24.94 32.67 3.94
CA PRO B 10 -25.57 33.00 2.64
C PRO B 10 -25.26 31.92 1.62
N GLU B 11 -26.07 31.88 0.56
CA GLU B 11 -25.90 30.81 -0.42
C GLU B 11 -24.59 30.94 -1.18
N LYS B 12 -24.16 32.18 -1.45
CA LYS B 12 -22.81 32.47 -1.94
C LYS B 12 -21.91 32.63 -0.72
N PHE B 13 -20.93 31.74 -0.56
CA PHE B 13 -20.20 31.70 0.71
C PHE B 13 -18.87 31.02 0.47
N ASN B 14 -17.80 31.66 0.92
CA ASN B 14 -16.47 31.05 0.94
C ASN B 14 -15.97 31.07 2.38
N PHE B 15 -15.74 29.88 2.95
CA PHE B 15 -15.46 29.80 4.37
C PHE B 15 -14.15 30.50 4.73
N ALA B 16 -13.14 30.44 3.84
CA ALA B 16 -11.89 31.13 4.14
C ALA B 16 -12.09 32.64 4.15
N GLU B 17 -12.77 33.18 3.14
CA GLU B 17 -13.10 34.61 3.16
C GLU B 17 -13.89 34.97 4.42
N HIS B 18 -14.82 34.11 4.84
CA HIS B 18 -15.58 34.37 6.05
C HIS B 18 -14.67 34.52 7.27
N LEU B 19 -13.68 33.64 7.42
CA LEU B 19 -12.81 33.74 8.59
C LEU B 19 -11.88 34.94 8.48
N LEU B 20 -11.43 35.26 7.26
CA LEU B 20 -10.59 36.44 7.10
C LEU B 20 -11.38 37.71 7.40
N GLN B 21 -12.60 37.82 6.87
CA GLN B 21 -13.41 39.02 7.10
C GLN B 21 -13.74 39.20 8.58
N THR B 22 -14.01 38.08 9.29
CA THR B 22 -14.30 38.14 10.72
C THR B 22 -13.22 38.84 11.51
N ASN B 23 -11.96 38.75 11.07
CA ASN B 23 -10.83 39.21 11.86
C ASN B 23 -10.18 40.46 11.30
N ARG B 24 -10.81 41.10 10.33
CA ARG B 24 -10.28 42.37 9.85
C ARG B 24 -10.36 43.46 10.91
N VAL B 25 -11.20 43.28 11.93
CA VAL B 25 -11.26 44.20 13.06
C VAL B 25 -10.05 44.07 13.99
N ARG B 26 -9.28 43.00 13.89
CA ARG B 26 -8.17 42.73 14.82
C ARG B 26 -6.89 42.37 14.07
N PRO B 27 -6.44 43.22 13.15
CA PRO B 27 -5.31 42.83 12.27
C PRO B 27 -4.02 42.51 13.00
N ASP B 28 -3.74 43.14 14.13
CA ASP B 28 -2.44 42.96 14.77
C ASP B 28 -2.47 41.99 15.95
N LYS B 29 -3.62 41.41 16.28
CA LYS B 29 -3.65 40.36 17.28
C LYS B 29 -3.02 39.10 16.70
N THR B 30 -2.30 38.37 17.56
CA THR B 30 -1.72 37.10 17.13
C THR B 30 -2.82 36.09 16.79
N ALA B 31 -2.80 35.59 15.55
CA ALA B 31 -3.72 34.52 15.15
C ALA B 31 -3.18 33.15 15.50
N PHE B 32 -1.92 32.88 15.17
CA PHE B 32 -1.29 31.60 15.42
C PHE B 32 0.14 31.80 15.85
N VAL B 33 0.58 31.02 16.82
CA VAL B 33 1.97 31.08 17.28
C VAL B 33 2.45 29.65 17.54
N ASP B 34 3.68 29.36 17.16
CA ASP B 34 4.28 28.06 17.46
C ASP B 34 5.67 28.30 18.03
N ASP B 35 6.48 27.24 18.08
CA ASP B 35 7.77 27.32 18.77
C ASP B 35 8.73 28.30 18.11
N ILE B 36 8.56 28.61 16.83
CA ILE B 36 9.53 29.39 16.09
C ILE B 36 8.93 30.52 15.28
N SER B 37 7.61 30.70 15.29
CA SER B 37 7.00 31.64 14.35
C SER B 37 5.67 32.13 14.91
N SER B 38 5.18 33.23 14.34
CA SER B 38 3.88 33.77 14.72
C SER B 38 3.29 34.51 13.54
N LEU B 39 1.96 34.49 13.48
CA LEU B 39 1.23 35.22 12.45
C LEU B 39 0.14 36.02 13.14
N SER B 40 0.11 37.33 12.88
CA SER B 40 -1.06 38.12 13.22
C SER B 40 -2.19 37.81 12.24
N PHE B 41 -3.40 38.29 12.56
CA PHE B 41 -4.52 38.03 11.67
C PHE B 41 -4.27 38.65 10.30
N ALA B 42 -3.66 39.85 10.28
CA ALA B 42 -3.36 40.47 8.99
C ALA B 42 -2.28 39.71 8.22
N GLN B 43 -1.22 39.26 8.91
CA GLN B 43 -0.20 38.47 8.23
C GLN B 43 -0.80 37.16 7.71
N LEU B 44 -1.68 36.55 8.50
CA LEU B 44 -2.34 35.32 8.06
C LEU B 44 -3.17 35.57 6.80
N GLU B 45 -3.88 36.71 6.73
CA GLU B 45 -4.70 36.98 5.56
C GLU B 45 -3.82 37.16 4.31
N ALA B 46 -2.73 37.90 4.46
CA ALA B 46 -1.81 38.12 3.35
C ALA B 46 -1.27 36.80 2.81
N GLN B 47 -0.73 35.97 3.71
CA GLN B 47 -0.13 34.71 3.26
C GLN B 47 -1.19 33.77 2.68
N THR B 48 -2.38 33.74 3.28
CA THR B 48 -3.48 32.94 2.76
C THR B 48 -3.80 33.33 1.32
N ARG B 49 -3.94 34.63 1.06
CA ARG B 49 -4.34 35.07 -0.27
C ARG B 49 -3.19 34.95 -1.26
N GLN B 50 -1.95 35.08 -0.80
CA GLN B 50 -0.79 34.82 -1.65
C GLN B 50 -0.69 33.34 -2.01
N LEU B 51 -0.89 32.45 -1.03
CA LEU B 51 -0.87 31.01 -1.35
C LEU B 51 -1.97 30.66 -2.34
N ALA B 52 -3.17 31.24 -2.17
CA ALA B 52 -4.25 31.00 -3.12
C ALA B 52 -3.82 31.39 -4.53
N ALA B 53 -3.20 32.55 -4.68
CA ALA B 53 -2.68 32.94 -5.99
C ALA B 53 -1.63 31.96 -6.48
N ALA B 54 -0.71 31.56 -5.59
CA ALA B 54 0.36 30.65 -5.98
C ALA B 54 -0.18 29.32 -6.49
N LEU B 55 -1.20 28.75 -5.80
CA LEU B 55 -1.77 27.50 -6.27
C LEU B 55 -2.42 27.64 -7.64
N ARG B 56 -3.12 28.76 -7.87
CA ARG B 56 -3.68 29.02 -9.19
C ARG B 56 -2.59 29.14 -10.24
N ALA B 57 -1.45 29.72 -9.87
CA ALA B 57 -0.39 29.97 -10.86
C ALA B 57 0.26 28.68 -11.33
N ILE B 58 0.27 27.62 -10.50
CA ILE B 58 0.86 26.36 -10.91
C ILE B 58 -0.20 25.48 -11.56
N GLY B 59 -1.35 26.05 -11.86
CA GLY B 59 -2.35 25.36 -12.65
C GLY B 59 -3.39 24.57 -11.89
N VAL B 60 -3.46 24.66 -10.57
CA VAL B 60 -4.52 23.96 -9.84
C VAL B 60 -5.81 24.75 -9.98
N LYS B 61 -6.89 24.06 -10.35
CA LYS B 61 -8.17 24.68 -10.68
C LYS B 61 -9.17 24.54 -9.55
N ARG B 62 -10.21 25.37 -9.61
CA ARG B 62 -11.33 25.22 -8.69
C ARG B 62 -11.85 23.79 -8.70
N GLU B 63 -12.12 23.27 -7.49
CA GLU B 63 -12.69 21.96 -7.16
C GLU B 63 -11.66 20.83 -7.22
N GLU B 64 -10.46 21.07 -7.74
CA GLU B 64 -9.41 20.07 -7.69
C GLU B 64 -8.89 19.95 -6.27
N ARG B 65 -8.34 18.79 -5.94
CA ARG B 65 -7.82 18.53 -4.61
C ARG B 65 -6.32 18.77 -4.53
N VAL B 66 -5.85 19.17 -3.34
CA VAL B 66 -4.44 19.15 -2.99
C VAL B 66 -4.31 18.41 -1.68
N LEU B 67 -3.21 17.68 -1.51
CA LEU B 67 -2.98 16.93 -0.27
C LEU B 67 -2.25 17.83 0.73
N LEU B 68 -2.79 17.94 1.93
CA LEU B 68 -2.18 18.75 2.99
C LEU B 68 -1.65 17.77 4.04
N LEU B 69 -0.34 17.56 4.03
CA LEU B 69 0.33 16.57 4.88
C LEU B 69 1.37 17.34 5.71
N MET B 70 0.91 17.94 6.81
CA MET B 70 1.75 18.90 7.52
C MET B 70 1.58 18.77 9.02
N LEU B 71 2.70 18.90 9.74
CA LEU B 71 2.67 19.00 11.18
C LEU B 71 2.03 20.32 11.59
N ASP B 72 1.50 20.35 12.82
CA ASP B 72 0.94 21.59 13.33
C ASP B 72 2.02 22.68 13.36
N GLY B 73 1.67 23.86 12.89
CA GLY B 73 2.56 25.01 12.87
C GLY B 73 1.87 26.09 12.06
N THR B 74 2.47 27.29 12.10
CA THR B 74 1.81 28.45 11.49
C THR B 74 1.55 28.29 9.98
N ASP B 75 2.35 27.48 9.27
CA ASP B 75 2.08 27.27 7.84
C ASP B 75 0.80 26.46 7.60
N TRP B 76 0.36 25.66 8.58
CA TRP B 76 -0.81 24.82 8.36
C TRP B 76 -2.08 25.60 8.05
N PRO B 77 -2.49 26.59 8.85
CA PRO B 77 -3.71 27.33 8.49
C PRO B 77 -3.55 28.10 7.18
N VAL B 78 -2.33 28.54 6.87
CA VAL B 78 -2.09 29.19 5.58
C VAL B 78 -2.39 28.22 4.44
N ALA B 79 -1.90 26.99 4.54
CA ALA B 79 -2.15 26.01 3.49
C ALA B 79 -3.64 25.70 3.38
N PHE B 80 -4.29 25.44 4.51
CA PHE B 80 -5.70 25.07 4.53
C PHE B 80 -6.57 26.20 3.99
N LEU B 81 -6.43 27.40 4.58
CA LEU B 81 -7.27 28.51 4.18
C LEU B 81 -6.90 29.02 2.79
N GLY B 82 -5.62 28.98 2.43
CA GLY B 82 -5.21 29.42 1.11
C GLY B 82 -5.85 28.60 0.00
N ALA B 83 -5.85 27.28 0.16
CA ALA B 83 -6.54 26.43 -0.80
C ALA B 83 -8.02 26.78 -0.88
N ILE B 84 -8.68 26.88 0.28
CA ILE B 84 -10.13 27.12 0.31
C ILE B 84 -10.47 28.46 -0.32
N TYR B 85 -9.65 29.48 -0.04
CA TYR B 85 -9.88 30.80 -0.63
C TYR B 85 -9.88 30.74 -2.15
N ALA B 86 -9.01 29.93 -2.72
CA ALA B 86 -8.94 29.75 -4.16
C ALA B 86 -10.03 28.83 -4.71
N GLY B 87 -10.86 28.23 -3.85
CA GLY B 87 -11.79 27.24 -4.36
C GLY B 87 -11.16 25.89 -4.60
N ILE B 88 -9.96 25.67 -4.09
CA ILE B 88 -9.23 24.41 -4.20
C ILE B 88 -9.50 23.63 -2.92
N VAL B 89 -9.64 22.32 -3.05
CA VAL B 89 -10.12 21.49 -1.94
C VAL B 89 -8.92 20.87 -1.24
N PRO B 90 -8.49 21.36 -0.07
CA PRO B 90 -7.39 20.67 0.62
C PRO B 90 -7.88 19.39 1.25
N VAL B 91 -7.04 18.36 1.18
CA VAL B 91 -7.32 17.05 1.76
C VAL B 91 -6.36 16.92 2.94
N ALA B 92 -6.85 17.12 4.17
CA ALA B 92 -5.99 17.24 5.36
C ALA B 92 -5.86 15.88 6.01
N VAL B 93 -4.62 15.38 6.11
CA VAL B 93 -4.41 13.98 6.46
C VAL B 93 -3.47 13.81 7.66
N ASN B 94 -3.69 12.69 8.35
CA ASN B 94 -2.84 12.24 9.44
C ASN B 94 -1.38 12.21 9.03
N THR B 95 -0.50 12.71 9.90
CA THR B 95 0.92 12.80 9.64
C THR B 95 1.72 11.56 10.09
N LEU B 96 1.05 10.54 10.65
CA LEU B 96 1.70 9.37 11.22
CA LEU B 96 1.77 9.38 11.18
C LEU B 96 1.52 8.12 10.36
N LEU B 97 1.09 8.27 9.11
CA LEU B 97 0.78 7.10 8.30
C LEU B 97 2.00 6.63 7.48
N THR B 98 1.80 5.55 6.73
CA THR B 98 2.90 4.96 5.97
C THR B 98 2.86 5.42 4.52
N ALA B 99 3.92 5.10 3.78
CA ALA B 99 3.95 5.45 2.37
C ALA B 99 2.80 4.78 1.62
N ASP B 100 2.47 3.53 1.98
CA ASP B 100 1.33 2.84 1.37
C ASP B 100 0.04 3.62 1.60
N ASP B 101 -0.16 4.11 2.83
CA ASP B 101 -1.36 4.88 3.15
C ASP B 101 -1.45 6.11 2.27
N TYR B 102 -0.35 6.87 2.16
CA TYR B 102 -0.43 8.11 1.39
C TYR B 102 -0.51 7.85 -0.11
N ALA B 103 0.12 6.77 -0.59
CA ALA B 103 -0.03 6.39 -1.99
C ALA B 103 -1.50 6.25 -2.37
N TYR B 104 -2.28 5.54 -1.54
CA TYR B 104 -3.70 5.41 -1.82
C TYR B 104 -4.39 6.76 -1.80
N MET B 105 -4.07 7.61 -0.81
CA MET B 105 -4.74 8.90 -0.71
C MET B 105 -4.44 9.77 -1.92
N LEU B 106 -3.19 9.75 -2.42
CA LEU B 106 -2.86 10.51 -3.62
C LEU B 106 -3.69 10.03 -4.81
N GLU B 107 -3.80 8.71 -4.97
CA GLU B 107 -4.56 8.16 -6.09
C GLU B 107 -6.03 8.46 -5.96
N HIS B 108 -6.59 8.24 -4.77
CA HIS B 108 -8.02 8.37 -4.62
C HIS B 108 -8.47 9.82 -4.73
N SER B 109 -7.70 10.74 -4.11
CA SER B 109 -8.06 12.15 -4.13
C SER B 109 -7.72 12.81 -5.46
N ARG B 110 -6.89 12.17 -6.27
CA ARG B 110 -6.34 12.80 -7.48
C ARG B 110 -5.73 14.16 -7.16
N ALA B 111 -5.09 14.25 -6.00
CA ALA B 111 -4.40 15.47 -5.60
C ALA B 111 -3.48 15.96 -6.70
N GLN B 112 -3.60 17.26 -7.01
CA GLN B 112 -2.81 17.90 -8.06
C GLN B 112 -1.53 18.53 -7.55
N ALA B 113 -1.44 18.75 -6.25
CA ALA B 113 -0.23 19.24 -5.59
C ALA B 113 -0.25 18.71 -4.17
N VAL B 114 0.91 18.77 -3.52
CA VAL B 114 1.04 18.35 -2.12
C VAL B 114 1.73 19.49 -1.37
N LEU B 115 1.20 19.84 -0.21
CA LEU B 115 1.85 20.73 0.74
C LEU B 115 2.28 19.87 1.91
N VAL B 116 3.59 19.78 2.14
CA VAL B 116 4.15 18.74 3.02
C VAL B 116 5.19 19.36 3.93
N SER B 117 5.19 18.94 5.20
CA SER B 117 6.26 19.33 6.11
C SER B 117 7.56 18.61 5.75
N GLY B 118 8.68 19.32 5.94
CA GLY B 118 9.98 18.71 5.65
C GLY B 118 10.16 17.35 6.31
N ALA B 119 9.73 17.21 7.56
CA ALA B 119 9.92 15.95 8.30
C ALA B 119 9.15 14.81 7.67
N LEU B 120 8.13 15.11 6.89
CA LEU B 120 7.31 14.09 6.25
C LEU B 120 7.68 13.91 4.79
N HIS B 121 8.71 14.61 4.31
CA HIS B 121 9.07 14.44 2.91
C HIS B 121 9.53 13.02 2.57
N PRO B 122 10.30 12.31 3.40
CA PRO B 122 10.68 10.94 3.02
C PRO B 122 9.49 10.01 2.78
N VAL B 123 8.48 10.02 3.67
CA VAL B 123 7.35 9.11 3.45
C VAL B 123 6.53 9.56 2.24
N LEU B 124 6.41 10.87 2.01
CA LEU B 124 5.73 11.33 0.79
C LEU B 124 6.49 10.92 -0.47
N LYS B 125 7.82 11.08 -0.46
CA LYS B 125 8.64 10.68 -1.60
C LYS B 125 8.40 9.22 -1.94
N ALA B 126 8.35 8.35 -0.91
CA ALA B 126 8.09 6.94 -1.18
C ALA B 126 6.69 6.73 -1.76
N ALA B 127 5.70 7.45 -1.24
CA ALA B 127 4.35 7.33 -1.77
C ALA B 127 4.26 7.79 -3.22
N LEU B 128 4.96 8.87 -3.57
CA LEU B 128 4.94 9.36 -4.94
C LEU B 128 5.59 8.35 -5.88
N THR B 129 6.70 7.76 -5.47
CA THR B 129 7.38 6.83 -6.34
C THR B 129 6.55 5.60 -6.63
N LYS B 130 5.74 5.12 -5.68
CA LYS B 130 5.05 3.86 -5.90
C LYS B 130 3.65 4.01 -6.46
N SER B 131 3.11 5.21 -6.54
CA SER B 131 1.69 5.39 -6.80
C SER B 131 1.42 5.88 -8.22
N ASP B 132 0.19 5.68 -8.68
CA ASP B 132 -0.28 6.26 -9.93
C ASP B 132 -0.95 7.59 -9.65
N HIS B 133 -0.14 8.53 -9.19
CA HIS B 133 -0.64 9.82 -8.73
C HIS B 133 -0.70 10.83 -9.86
N GLU B 134 -1.31 11.98 -9.58
CA GLU B 134 -1.42 13.08 -10.51
C GLU B 134 -0.78 14.36 -9.95
N VAL B 135 0.20 14.21 -9.06
CA VAL B 135 0.80 15.36 -8.40
C VAL B 135 1.72 16.09 -9.38
N GLN B 136 1.47 17.39 -9.56
CA GLN B 136 2.24 18.25 -10.46
C GLN B 136 3.37 18.97 -9.74
N ARG B 137 3.17 19.35 -8.48
CA ARG B 137 4.13 20.16 -7.74
C ARG B 137 4.06 19.75 -6.28
N VAL B 138 5.22 19.80 -5.62
CA VAL B 138 5.31 19.54 -4.18
C VAL B 138 5.86 20.80 -3.54
N ILE B 139 5.13 21.31 -2.55
CA ILE B 139 5.47 22.52 -1.81
C ILE B 139 5.88 22.07 -0.41
N VAL B 140 7.13 22.35 -0.03
CA VAL B 140 7.71 21.79 1.19
C VAL B 140 7.82 22.89 2.23
N SER B 141 7.08 22.76 3.32
CA SER B 141 7.20 23.67 4.45
C SER B 141 8.30 23.18 5.38
N ARG B 142 9.32 24.05 5.62
CA ARG B 142 10.44 23.72 6.49
C ARG B 142 11.20 22.51 5.97
N PRO B 143 11.77 22.59 4.76
CA PRO B 143 12.54 21.45 4.22
C PRO B 143 13.68 21.04 5.15
N ALA B 144 13.85 19.72 5.29
CA ALA B 144 14.90 19.12 6.11
C ALA B 144 15.90 18.32 5.27
N ALA B 145 15.87 18.52 3.95
CA ALA B 145 16.75 17.88 2.98
C ALA B 145 16.66 18.68 1.70
N PRO B 146 17.62 18.51 0.77
CA PRO B 146 17.57 19.29 -0.48
C PRO B 146 16.29 19.06 -1.27
N LEU B 147 15.78 20.14 -1.87
CA LEU B 147 14.62 20.02 -2.73
C LEU B 147 14.96 19.29 -4.02
N GLU B 148 13.96 18.53 -4.56
CA GLU B 148 14.05 17.98 -5.91
C GLU B 148 13.38 18.88 -6.92
N PRO B 149 13.66 18.73 -8.22
CA PRO B 149 12.97 19.55 -9.22
C PRO B 149 11.47 19.36 -9.13
N GLY B 150 10.73 20.43 -9.39
CA GLY B 150 9.31 20.42 -9.14
C GLY B 150 8.94 20.66 -7.69
N GLU B 151 9.92 20.75 -6.80
CA GLU B 151 9.68 21.06 -5.39
C GLU B 151 10.11 22.49 -5.10
N VAL B 152 9.34 23.17 -4.26
CA VAL B 152 9.61 24.55 -3.91
C VAL B 152 9.36 24.72 -2.42
N ASP B 153 10.16 25.58 -1.79
CA ASP B 153 9.96 25.92 -0.39
C ASP B 153 8.64 26.69 -0.22
N PHE B 154 7.90 26.32 0.83
CA PHE B 154 6.61 26.94 1.09
C PHE B 154 6.72 28.46 1.21
N ALA B 155 7.69 28.94 1.99
CA ALA B 155 7.81 30.38 2.20
C ALA B 155 8.16 31.07 0.90
N GLU B 156 9.04 30.47 0.08
CA GLU B 156 9.36 31.04 -1.22
C GLU B 156 8.15 31.03 -2.15
N PHE B 157 7.38 29.93 -2.15
CA PHE B 157 6.20 29.82 -2.97
C PHE B 157 5.16 30.90 -2.63
N VAL B 158 4.83 31.01 -1.35
CA VAL B 158 3.91 32.06 -0.89
C VAL B 158 4.47 33.44 -1.24
N GLY B 159 5.76 33.65 -1.01
CA GLY B 159 6.33 34.97 -1.19
C GLY B 159 6.42 35.43 -2.65
N ALA B 160 6.36 34.50 -3.59
CA ALA B 160 6.52 34.82 -5.01
C ALA B 160 5.23 35.29 -5.68
N HIS B 161 4.13 35.42 -4.95
CA HIS B 161 2.87 35.75 -5.59
C HIS B 161 2.16 36.83 -4.82
N ALA B 162 1.57 37.76 -5.56
CA ALA B 162 0.76 38.79 -4.94
C ALA B 162 -0.57 38.18 -4.46
N PRO B 163 -1.19 38.75 -3.44
CA PRO B 163 -2.43 38.17 -2.92
C PRO B 163 -3.53 38.15 -3.98
N LEU B 164 -4.24 37.03 -4.03
CA LEU B 164 -5.44 36.94 -4.86
C LEU B 164 -6.45 38.01 -4.41
N GLU B 165 -7.04 38.68 -5.39
CA GLU B 165 -7.89 39.84 -5.10
C GLU B 165 -9.20 39.44 -4.44
N LYS B 166 -9.80 38.34 -4.89
CA LYS B 166 -11.11 37.91 -4.44
C LYS B 166 -11.09 36.40 -4.27
N PRO B 167 -11.87 35.87 -3.34
CA PRO B 167 -12.00 34.41 -3.22
C PRO B 167 -12.75 33.85 -4.42
N ALA B 168 -12.54 32.55 -4.67
CA ALA B 168 -13.42 31.88 -5.62
C ALA B 168 -14.87 32.06 -5.21
N ALA B 169 -15.75 32.15 -6.20
CA ALA B 169 -17.19 32.39 -5.99
C ALA B 169 -17.91 31.09 -5.67
N THR B 170 -17.56 30.55 -4.50
CA THR B 170 -18.10 29.27 -4.05
C THR B 170 -19.49 29.46 -3.44
N GLN B 171 -20.25 28.36 -3.43
CA GLN B 171 -21.51 28.26 -2.72
C GLN B 171 -21.31 27.64 -1.36
N ALA B 172 -22.19 28.01 -0.42
CA ALA B 172 -22.12 27.43 0.93
C ALA B 172 -22.15 25.91 0.89
N ASP B 173 -22.88 25.32 -0.05
CA ASP B 173 -22.99 23.86 -0.11
C ASP B 173 -21.99 23.23 -1.08
N ASP B 174 -21.03 24.00 -1.61
CA ASP B 174 -19.94 23.44 -2.39
C ASP B 174 -18.94 22.73 -1.47
N PRO B 175 -18.29 21.68 -1.96
CA PRO B 175 -17.18 21.08 -1.18
C PRO B 175 -16.13 22.12 -0.84
N ALA B 176 -15.65 22.07 0.39
CA ALA B 176 -14.56 22.94 0.85
C ALA B 176 -13.28 22.17 1.15
N PHE B 177 -13.37 21.01 1.81
CA PHE B 177 -12.19 20.23 2.16
C PHE B 177 -12.60 18.78 2.41
N TRP B 178 -11.59 17.90 2.47
CA TRP B 178 -11.79 16.51 2.84
C TRP B 178 -10.97 16.15 4.06
N LEU B 179 -11.48 15.18 4.82
CA LEU B 179 -10.71 14.44 5.81
C LEU B 179 -10.87 12.97 5.45
N TYR B 180 -9.90 12.14 5.81
CA TYR B 180 -10.04 10.71 5.59
C TYR B 180 -10.43 10.00 6.89
N SER B 181 -11.34 9.05 6.78
CA SER B 181 -11.86 8.34 7.94
C SER B 181 -11.73 6.84 7.69
N SER B 182 -11.05 6.13 8.59
CA SER B 182 -10.90 4.70 8.41
C SER B 182 -12.05 3.92 9.05
N GLY B 183 -12.40 2.79 8.45
CA GLY B 183 -13.34 1.85 9.00
C GLY B 183 -12.64 0.57 9.41
N SER B 184 -13.46 -0.44 9.78
CA SER B 184 -12.85 -1.67 10.31
C SER B 184 -12.18 -2.48 9.21
N THR B 185 -12.69 -2.35 7.98
CA THR B 185 -12.02 -2.90 6.81
C THR B 185 -12.13 -1.91 5.67
N GLY B 186 -11.38 -2.19 4.61
CA GLY B 186 -11.46 -1.40 3.41
C GLY B 186 -10.59 -0.16 3.49
N ARG B 187 -10.61 0.60 2.40
CA ARG B 187 -9.78 1.79 2.33
C ARG B 187 -10.36 2.90 3.20
N PRO B 188 -9.52 3.84 3.64
CA PRO B 188 -10.06 5.05 4.29
C PRO B 188 -10.99 5.79 3.35
N LYS B 189 -12.03 6.37 3.93
CA LYS B 189 -13.08 7.04 3.17
C LYS B 189 -12.82 8.54 3.12
N GLY B 190 -12.99 9.11 1.94
CA GLY B 190 -12.81 10.54 1.73
C GLY B 190 -14.06 11.30 2.11
N VAL B 191 -14.02 11.89 3.30
CA VAL B 191 -15.18 12.58 3.89
C VAL B 191 -15.22 14.00 3.36
N VAL B 192 -16.28 14.34 2.62
CA VAL B 192 -16.37 15.62 1.91
C VAL B 192 -17.16 16.63 2.74
N HIS B 193 -16.52 17.71 3.14
CA HIS B 193 -17.17 18.76 3.90
C HIS B 193 -17.35 20.01 3.07
N THR B 194 -18.46 20.72 3.32
CA THR B 194 -18.81 21.92 2.57
C THR B 194 -18.28 23.18 3.25
N HIS B 195 -18.38 24.30 2.53
CA HIS B 195 -18.05 25.59 3.11
C HIS B 195 -18.90 25.87 4.34
N ALA B 196 -20.18 25.49 4.30
CA ALA B 196 -21.08 25.77 5.43
C ALA B 196 -20.72 24.96 6.67
N ASN B 197 -20.21 23.75 6.50
CA ASN B 197 -20.08 22.84 7.64
C ASN B 197 -19.24 23.41 8.79
N PRO B 198 -18.03 23.95 8.56
CA PRO B 198 -17.27 24.50 9.70
C PRO B 198 -17.80 25.83 10.19
N TYR B 199 -18.64 26.53 9.41
CA TYR B 199 -19.37 27.64 9.99
C TYR B 199 -20.32 27.15 11.07
N TRP B 200 -21.09 26.10 10.77
CA TRP B 200 -22.06 25.60 11.74
C TRP B 200 -21.38 25.08 13.00
N THR B 201 -20.33 24.29 12.86
CA THR B 201 -19.67 23.77 14.07
C THR B 201 -19.10 24.92 14.90
N SER B 202 -18.48 25.90 14.25
CA SER B 202 -17.82 26.98 14.99
C SER B 202 -18.82 27.88 15.69
N GLU B 203 -20.03 28.04 15.12
CA GLU B 203 -21.08 28.81 15.78
C GLU B 203 -21.82 28.00 16.84
N LEU B 204 -22.27 26.79 16.47
CA LEU B 204 -23.12 26.01 17.39
C LEU B 204 -22.32 25.43 18.55
N TYR B 205 -21.07 25.03 18.32
CA TYR B 205 -20.28 24.42 19.37
C TYR B 205 -19.21 25.36 19.91
N GLY B 206 -18.31 25.85 19.06
CA GLY B 206 -17.23 26.70 19.54
C GLY B 206 -17.74 27.94 20.26
N ARG B 207 -18.64 28.67 19.62
CA ARG B 207 -19.15 29.89 20.24
C ARG B 207 -20.28 29.58 21.22
N ASN B 208 -21.31 28.88 20.78
CA ASN B 208 -22.53 28.84 21.59
C ASN B 208 -22.52 27.79 22.68
N THR B 209 -21.64 26.78 22.60
CA THR B 209 -21.56 25.79 23.66
C THR B 209 -20.32 25.98 24.52
N LEU B 210 -19.14 26.08 23.91
CA LEU B 210 -17.92 26.28 24.68
C LEU B 210 -17.73 27.72 25.14
N HIS B 211 -18.39 28.68 24.49
CA HIS B 211 -18.23 30.11 24.80
C HIS B 211 -16.79 30.56 24.64
N LEU B 212 -16.14 30.10 23.58
CA LEU B 212 -14.84 30.67 23.23
C LEU B 212 -14.98 32.17 22.96
N ARG B 213 -13.93 32.92 23.28
CA ARG B 213 -13.97 34.36 23.15
C ARG B 213 -12.61 34.90 22.71
N GLU B 214 -12.61 36.20 22.36
CA GLU B 214 -11.45 36.82 21.72
C GLU B 214 -10.19 36.72 22.59
N ASP B 215 -10.32 36.86 23.91
CA ASP B 215 -9.10 36.88 24.71
C ASP B 215 -8.64 35.47 25.11
N ASP B 216 -9.25 34.42 24.56
CA ASP B 216 -8.75 33.08 24.83
C ASP B 216 -7.44 32.82 24.10
N VAL B 217 -6.66 31.89 24.66
CA VAL B 217 -5.51 31.29 24.01
C VAL B 217 -5.81 29.80 23.94
N CYS B 218 -6.00 29.30 22.72
CA CYS B 218 -6.44 27.93 22.49
C CYS B 218 -5.24 27.04 22.19
N PHE B 219 -5.23 25.85 22.79
CA PHE B 219 -4.13 24.90 22.57
C PHE B 219 -4.70 23.49 22.58
N SER B 220 -4.51 22.75 21.48
CA SER B 220 -5.11 21.43 21.30
C SER B 220 -4.01 20.38 21.15
N ALA B 221 -4.02 19.38 22.04
CA ALA B 221 -3.17 18.20 21.85
C ALA B 221 -3.57 17.46 20.58
N ALA B 222 -4.85 17.53 20.21
CA ALA B 222 -5.34 16.93 18.97
C ALA B 222 -4.87 17.80 17.80
N LYS B 223 -4.18 17.18 16.86
CA LYS B 223 -3.58 17.91 15.75
C LYS B 223 -4.65 18.42 14.78
N LEU B 224 -4.23 19.34 13.90
CA LEU B 224 -5.16 20.02 13.01
C LEU B 224 -5.80 19.11 11.98
N PHE B 225 -5.18 17.99 11.63
CA PHE B 225 -5.81 17.11 10.65
C PHE B 225 -6.97 16.30 11.23
N PHE B 226 -7.07 16.21 12.55
CA PHE B 226 -8.23 15.58 13.16
C PHE B 226 -9.41 16.54 13.05
N ALA B 227 -10.60 16.01 12.71
CA ALA B 227 -11.78 16.89 12.75
C ALA B 227 -11.85 17.64 14.08
N TYR B 228 -11.60 16.95 15.19
CA TYR B 228 -11.64 17.60 16.50
C TYR B 228 -10.64 18.76 16.56
N GLY B 229 -9.39 18.51 16.21
CA GLY B 229 -8.37 19.56 16.27
C GLY B 229 -8.59 20.69 15.28
N LEU B 230 -9.12 20.38 14.10
CA LEU B 230 -9.38 21.42 13.09
C LEU B 230 -10.36 22.46 13.62
N GLY B 231 -11.34 22.04 14.42
CA GLY B 231 -12.19 23.02 15.07
C GLY B 231 -11.46 23.70 16.22
N ASN B 232 -10.88 22.90 17.11
CA ASN B 232 -10.29 23.39 18.35
C ASN B 232 -9.27 24.49 18.12
N ALA B 233 -8.43 24.30 17.10
CA ALA B 233 -7.24 25.12 16.91
C ALA B 233 -7.22 25.79 15.54
N LEU B 234 -8.37 25.84 14.84
CA LEU B 234 -8.44 26.68 13.65
C LEU B 234 -9.83 27.31 13.53
N THR B 235 -10.87 26.52 13.20
CA THR B 235 -12.13 27.17 12.87
C THR B 235 -12.78 27.84 14.08
N PHE B 236 -12.74 27.21 15.26
CA PHE B 236 -13.32 27.83 16.46
C PHE B 236 -12.60 29.11 16.85
N PRO B 237 -11.28 29.12 17.06
CA PRO B 237 -10.67 30.37 17.53
C PRO B 237 -10.73 31.47 16.49
N MET B 238 -10.59 31.14 15.21
CA MET B 238 -10.70 32.19 14.20
C MET B 238 -12.11 32.77 14.16
N THR B 239 -13.12 31.98 14.50
CA THR B 239 -14.48 32.52 14.48
C THR B 239 -14.68 33.61 15.52
N VAL B 240 -13.97 33.54 16.65
CA VAL B 240 -14.14 34.52 17.72
C VAL B 240 -12.95 35.43 17.90
N GLY B 241 -11.89 35.24 17.12
CA GLY B 241 -10.69 36.07 17.23
C GLY B 241 -9.73 35.68 18.32
N ALA B 242 -9.84 34.46 18.86
CA ALA B 242 -8.89 33.98 19.85
C ALA B 242 -7.53 33.73 19.22
N THR B 243 -6.50 33.73 20.07
CA THR B 243 -5.14 33.38 19.66
C THR B 243 -4.95 31.87 19.82
N THR B 244 -4.31 31.24 18.84
CA THR B 244 -4.09 29.79 18.90
C THR B 244 -2.61 29.48 19.00
N LEU B 245 -2.26 28.65 19.98
CA LEU B 245 -0.92 28.07 20.12
C LEU B 245 -0.88 26.72 19.40
N LEU B 246 0.11 26.54 18.54
CA LEU B 246 0.32 25.32 17.80
C LEU B 246 1.64 24.69 18.22
N MET B 247 1.70 23.36 18.14
CA MET B 247 2.88 22.61 18.55
C MET B 247 3.07 21.46 17.58
N GLY B 248 4.25 21.38 16.95
CA GLY B 248 4.49 20.32 15.99
C GLY B 248 4.80 18.97 16.60
N GLU B 249 5.43 18.94 17.77
CA GLU B 249 5.94 17.71 18.34
C GLU B 249 4.83 16.88 18.99
N ARG B 250 5.17 15.65 19.34
CA ARG B 250 4.24 14.75 20.01
C ARG B 250 3.76 15.36 21.32
N PRO B 251 2.46 15.28 21.64
CA PRO B 251 1.94 15.90 22.89
C PRO B 251 2.05 15.02 24.13
N THR B 252 3.29 14.80 24.58
CA THR B 252 3.57 14.14 25.85
C THR B 252 3.15 15.04 27.01
N PRO B 253 3.00 14.47 28.22
CA PRO B 253 2.72 15.35 29.38
C PRO B 253 3.72 16.48 29.53
N ASP B 254 5.02 16.20 29.40
CA ASP B 254 5.99 17.28 29.56
C ASP B 254 5.82 18.35 28.48
N ALA B 255 5.51 17.95 27.24
CA ALA B 255 5.36 18.95 26.18
C ALA B 255 4.12 19.81 26.41
N VAL B 256 3.02 19.19 26.83
CA VAL B 256 1.80 19.94 27.12
C VAL B 256 2.04 20.88 28.30
N PHE B 257 2.65 20.37 29.38
CA PHE B 257 2.86 21.18 30.58
C PHE B 257 3.70 22.41 30.26
N LYS B 258 4.76 22.23 29.45
CA LYS B 258 5.58 23.37 29.06
C LYS B 258 4.74 24.48 28.45
N ARG B 259 3.76 24.12 27.62
CA ARG B 259 2.96 25.15 27.00
C ARG B 259 1.93 25.72 27.97
N TRP B 260 1.36 24.86 28.84
CA TRP B 260 0.42 25.36 29.85
C TRP B 260 1.07 26.45 30.69
N LEU B 261 2.34 26.28 31.00
CA LEU B 261 3.08 27.19 31.88
C LEU B 261 3.61 28.42 31.16
N GLY B 262 3.37 28.54 29.86
CA GLY B 262 3.74 29.71 29.12
C GLY B 262 5.10 29.65 28.49
N GLY B 263 5.62 28.44 28.27
CA GLY B 263 6.95 28.25 27.70
C GLY B 263 7.09 28.67 26.25
N VAL B 264 5.99 28.90 25.53
CA VAL B 264 6.06 29.25 24.11
C VAL B 264 5.22 30.50 23.82
N GLY B 265 5.77 31.40 23.02
CA GLY B 265 5.03 32.53 22.48
C GLY B 265 4.63 33.58 23.48
N GLY B 266 5.11 33.48 24.72
CA GLY B 266 4.70 34.42 25.74
C GLY B 266 3.24 34.32 26.13
N VAL B 267 2.60 33.18 25.87
CA VAL B 267 1.17 33.02 26.11
C VAL B 267 0.92 31.79 26.94
N LYS B 268 -0.01 31.92 27.88
CA LYS B 268 -0.51 30.78 28.63
C LYS B 268 -1.87 30.39 28.05
N PRO B 269 -2.03 29.16 27.58
CA PRO B 269 -3.35 28.71 27.14
C PRO B 269 -4.41 28.89 28.22
N THR B 270 -5.59 29.35 27.77
CA THR B 270 -6.79 29.37 28.60
C THR B 270 -7.76 28.24 28.27
N VAL B 271 -7.66 27.64 27.09
CA VAL B 271 -8.53 26.56 26.67
C VAL B 271 -7.63 25.43 26.19
N PHE B 272 -7.79 24.26 26.77
CA PHE B 272 -7.05 23.09 26.35
C PHE B 272 -8.01 22.04 25.84
N TYR B 273 -7.57 21.30 24.82
CA TYR B 273 -8.36 20.19 24.30
C TYR B 273 -7.47 18.95 24.19
N GLY B 274 -8.01 17.79 24.53
CA GLY B 274 -7.27 16.56 24.35
C GLY B 274 -8.16 15.34 24.46
N ALA B 275 -7.52 14.15 24.52
CA ALA B 275 -8.21 12.90 24.63
C ALA B 275 -8.15 12.40 26.07
N PRO B 276 -9.14 11.62 26.53
CA PRO B 276 -9.07 11.08 27.91
C PRO B 276 -7.75 10.38 28.23
N THR B 277 -7.19 9.63 27.28
CA THR B 277 -5.90 8.99 27.51
C THR B 277 -4.84 10.01 27.89
N GLY B 278 -4.83 11.15 27.20
CA GLY B 278 -3.85 12.17 27.52
C GLY B 278 -4.09 12.81 28.88
N TYR B 279 -5.36 13.01 29.23
CA TYR B 279 -5.69 13.54 30.55
C TYR B 279 -5.26 12.58 31.64
N ALA B 280 -5.51 11.27 31.46
CA ALA B 280 -5.08 10.29 32.46
C ALA B 280 -3.56 10.29 32.59
N GLY B 281 -2.86 10.34 31.46
CA GLY B 281 -1.40 10.38 31.53
C GLY B 281 -0.90 11.59 32.25
N MET B 282 -1.54 12.75 32.03
CA MET B 282 -1.11 13.97 32.69
C MET B 282 -1.42 13.93 34.19
N LEU B 283 -2.57 13.37 34.57
CA LEU B 283 -2.91 13.34 35.99
C LEU B 283 -1.99 12.42 36.77
N ALA B 284 -1.43 11.40 36.12
CA ALA B 284 -0.47 10.50 36.75
C ALA B 284 0.93 11.09 36.83
N ALA B 285 1.22 12.13 36.07
CA ALA B 285 2.59 12.61 35.98
C ALA B 285 3.03 13.25 37.30
N PRO B 286 4.24 12.96 37.77
CA PRO B 286 4.70 13.55 39.03
C PRO B 286 4.87 15.06 38.95
N ASN B 287 5.10 15.62 37.76
CA ASN B 287 5.29 17.06 37.55
C ASN B 287 4.02 17.74 37.02
N LEU B 288 2.86 17.16 37.28
CA LEU B 288 1.61 17.85 37.00
C LEU B 288 1.63 19.24 37.64
N PRO B 289 1.40 20.30 36.87
CA PRO B 289 1.39 21.64 37.46
C PRO B 289 0.27 21.80 38.46
N SER B 290 0.50 22.71 39.41
CA SER B 290 -0.55 23.11 40.34
C SER B 290 -1.45 24.14 39.68
N ARG B 291 -2.69 24.26 40.17
CA ARG B 291 -3.64 25.07 39.43
C ARG B 291 -3.28 26.55 39.47
N ASP B 292 -2.54 27.01 40.47
CA ASP B 292 -2.07 28.40 40.47
C ASP B 292 -1.02 28.66 39.40
N GLN B 293 -0.44 27.63 38.79
CA GLN B 293 0.59 27.81 37.78
C GLN B 293 0.06 27.96 36.37
N VAL B 294 -1.22 27.68 36.14
CA VAL B 294 -1.76 27.67 34.78
C VAL B 294 -2.88 28.67 34.68
N ALA B 295 -3.23 28.99 33.44
CA ALA B 295 -4.31 29.92 33.10
C ALA B 295 -5.54 29.22 32.54
N LEU B 296 -5.59 27.89 32.64
CA LEU B 296 -6.70 27.14 32.08
C LEU B 296 -8.03 27.60 32.68
N ARG B 297 -9.00 27.89 31.82
CA ARG B 297 -10.36 28.14 32.26
C ARG B 297 -11.33 27.11 31.72
N LEU B 298 -10.92 26.32 30.73
CA LEU B 298 -11.81 25.37 30.07
C LEU B 298 -10.96 24.21 29.59
N ALA B 299 -11.42 22.99 29.84
CA ALA B 299 -10.72 21.78 29.44
C ALA B 299 -11.69 20.90 28.68
N SER B 300 -11.43 20.71 27.39
CA SER B 300 -12.29 19.96 26.49
C SER B 300 -11.70 18.59 26.23
N SER B 301 -12.57 17.58 26.06
CA SER B 301 -12.14 16.23 25.72
CA SER B 301 -12.10 16.26 25.69
C SER B 301 -13.02 15.66 24.63
N ALA B 302 -12.42 14.85 23.77
CA ALA B 302 -13.15 14.06 22.77
C ALA B 302 -12.31 12.84 22.43
N GLY B 303 -12.89 11.94 21.63
CA GLY B 303 -12.14 10.88 20.98
C GLY B 303 -12.37 9.50 21.57
N GLU B 304 -12.77 9.42 22.83
CA GLU B 304 -13.10 8.19 23.53
C GLU B 304 -13.85 8.62 24.79
N ALA B 305 -14.65 7.69 25.34
CA ALA B 305 -15.45 8.03 26.50
C ALA B 305 -14.55 8.43 27.67
N LEU B 306 -14.99 9.44 28.43
CA LEU B 306 -14.18 9.95 29.52
C LEU B 306 -14.54 9.24 30.83
N PRO B 307 -13.68 8.36 31.35
CA PRO B 307 -14.01 7.68 32.62
C PRO B 307 -14.24 8.70 33.74
N ALA B 308 -15.28 8.47 34.53
CA ALA B 308 -15.62 9.45 35.57
C ALA B 308 -14.49 9.66 36.56
N GLU B 309 -13.69 8.63 36.84
CA GLU B 309 -12.60 8.80 37.78
C GLU B 309 -11.55 9.77 37.27
N ILE B 310 -11.34 9.79 35.95
CA ILE B 310 -10.39 10.76 35.37
C ILE B 310 -10.92 12.18 35.52
N GLY B 311 -12.18 12.40 35.17
CA GLY B 311 -12.74 13.74 35.30
C GLY B 311 -12.79 14.20 36.73
N GLN B 312 -13.22 13.33 37.64
CA GLN B 312 -13.26 13.71 39.06
C GLN B 312 -11.86 14.05 39.56
N ARG B 313 -10.85 13.29 39.14
CA ARG B 313 -9.50 13.58 39.59
C ARG B 313 -9.00 14.91 39.03
N PHE B 314 -9.33 15.21 37.77
CA PHE B 314 -8.97 16.50 37.21
C PHE B 314 -9.65 17.63 37.97
N GLN B 315 -10.92 17.46 38.30
CA GLN B 315 -11.67 18.50 38.99
C GLN B 315 -11.13 18.74 40.39
N ARG B 316 -10.79 17.65 41.12
CA ARG B 316 -10.22 17.82 42.44
C ARG B 316 -8.89 18.56 42.39
N HIS B 317 -8.10 18.31 41.35
CA HIS B 317 -6.78 18.90 41.29
C HIS B 317 -6.83 20.34 40.79
N PHE B 318 -7.57 20.59 39.71
CA PHE B 318 -7.51 21.89 39.07
C PHE B 318 -8.69 22.79 39.38
N GLY B 319 -9.75 22.27 40.00
CA GLY B 319 -10.95 23.06 40.12
C GLY B 319 -11.62 23.32 38.80
N LEU B 320 -11.35 22.48 37.80
CA LEU B 320 -11.92 22.55 36.47
C LEU B 320 -12.47 21.18 36.13
N ASP B 321 -13.66 21.13 35.57
CA ASP B 321 -14.11 19.87 35.00
C ASP B 321 -13.44 19.66 33.65
N ILE B 322 -13.49 18.41 33.19
CA ILE B 322 -13.19 18.11 31.79
C ILE B 322 -14.52 18.01 31.08
N VAL B 323 -14.68 18.76 30.00
CA VAL B 323 -15.95 18.86 29.28
C VAL B 323 -15.90 17.91 28.10
N ASP B 324 -16.48 16.72 28.27
CA ASP B 324 -16.44 15.65 27.26
C ASP B 324 -17.57 15.83 26.26
N GLY B 325 -17.24 15.80 24.97
CA GLY B 325 -18.24 15.72 23.94
C GLY B 325 -17.82 14.69 22.90
N ILE B 326 -18.76 14.31 22.05
CA ILE B 326 -18.44 13.37 20.97
C ILE B 326 -18.85 13.99 19.66
N GLY B 327 -17.91 14.05 18.73
CA GLY B 327 -18.22 14.29 17.35
C GLY B 327 -17.74 13.14 16.49
N SER B 328 -17.58 13.40 15.20
CA SER B 328 -17.07 12.40 14.27
C SER B 328 -16.46 13.14 13.11
N THR B 329 -15.66 12.41 12.32
CA THR B 329 -15.19 13.00 11.07
C THR B 329 -16.35 13.44 10.21
N GLU B 330 -17.40 12.61 10.16
CA GLU B 330 -18.56 12.88 9.30
C GLU B 330 -19.38 14.08 9.77
N MET B 331 -19.50 14.30 11.08
CA MET B 331 -20.26 15.44 11.57
C MET B 331 -19.40 16.66 11.87
N LEU B 332 -18.07 16.51 11.73
CA LEU B 332 -17.05 17.55 11.89
C LEU B 332 -16.78 17.99 13.34
N ALA B 333 -17.78 18.21 14.18
CA ALA B 333 -17.54 18.55 15.59
C ALA B 333 -18.61 17.90 16.44
N ALA B 334 -18.62 18.26 17.72
CA ALA B 334 -19.46 17.57 18.68
C ALA B 334 -20.94 17.82 18.40
N PHE B 335 -21.71 16.73 18.45
CA PHE B 335 -23.16 16.81 18.38
C PHE B 335 -23.81 16.38 19.69
N LEU B 336 -23.05 15.73 20.57
CA LEU B 336 -23.43 15.48 21.96
C LEU B 336 -22.34 16.05 22.84
N SER B 337 -22.73 16.77 23.90
CA SER B 337 -21.66 17.33 24.72
C SER B 337 -22.14 17.67 26.11
N ASN B 338 -21.25 17.48 27.07
CA ASN B 338 -21.41 18.15 28.34
C ASN B 338 -21.21 19.65 28.13
N LEU B 339 -21.67 20.46 29.09
CA LEU B 339 -21.50 21.91 29.04
C LEU B 339 -20.41 22.36 29.98
N PRO B 340 -19.82 23.54 29.73
CA PRO B 340 -18.77 24.05 30.64
C PRO B 340 -19.18 24.05 32.10
N ASP B 341 -20.44 24.34 32.40
CA ASP B 341 -20.92 24.34 33.78
C ASP B 341 -21.98 23.27 34.04
N ARG B 342 -22.10 22.25 33.19
CA ARG B 342 -22.98 21.12 33.48
C ARG B 342 -22.31 19.87 32.94
N VAL B 343 -21.68 19.12 33.83
CA VAL B 343 -20.88 17.95 33.49
C VAL B 343 -21.46 16.76 34.24
N ARG B 344 -21.71 15.68 33.51
CA ARG B 344 -22.04 14.40 34.15
C ARG B 344 -21.02 13.38 33.66
N TYR B 345 -20.06 13.08 34.52
CA TYR B 345 -19.04 12.09 34.17
C TYR B 345 -19.67 10.74 33.94
N GLY B 346 -19.05 9.97 33.06
CA GLY B 346 -19.63 8.73 32.58
C GLY B 346 -20.64 8.90 31.47
N THR B 347 -20.88 10.13 31.01
CA THR B 347 -21.76 10.37 29.87
C THR B 347 -21.10 11.39 28.96
N THR B 348 -21.61 11.45 27.73
CA THR B 348 -21.22 12.47 26.77
C THR B 348 -22.18 13.65 26.79
N GLY B 349 -22.94 13.81 27.85
CA GLY B 349 -23.79 14.98 27.96
C GLY B 349 -25.03 14.91 27.06
N TRP B 350 -25.42 16.09 26.57
CA TRP B 350 -26.72 16.34 25.96
C TRP B 350 -26.57 16.76 24.52
N PRO B 351 -27.63 16.62 23.71
CA PRO B 351 -27.57 17.10 22.32
C PRO B 351 -27.12 18.55 22.26
N VAL B 352 -26.20 18.83 21.34
CA VAL B 352 -25.78 20.21 21.08
C VAL B 352 -26.94 20.91 20.37
N PRO B 353 -27.44 22.04 20.86
CA PRO B 353 -28.54 22.72 20.16
C PRO B 353 -28.18 22.94 18.68
N GLY B 354 -29.13 22.60 17.80
CA GLY B 354 -28.89 22.59 16.37
C GLY B 354 -28.76 21.21 15.77
N TYR B 355 -28.53 20.19 16.60
CA TYR B 355 -28.41 18.80 16.19
C TYR B 355 -29.55 18.01 16.79
N GLN B 356 -30.18 17.16 15.98
CA GLN B 356 -31.16 16.21 16.47
C GLN B 356 -30.52 14.84 16.55
N ILE B 357 -30.83 14.12 17.62
CA ILE B 357 -30.21 12.84 17.95
C ILE B 357 -31.30 11.78 17.98
N GLU B 358 -31.04 10.63 17.35
CA GLU B 358 -31.98 9.51 17.36
C GLU B 358 -31.24 8.22 17.66
N LEU B 359 -31.79 7.42 18.56
CA LEU B 359 -31.33 6.06 18.82
C LEU B 359 -32.31 5.11 18.15
N ARG B 360 -31.79 4.11 17.43
CA ARG B 360 -32.64 3.19 16.69
C ARG B 360 -32.24 1.76 17.02
N GLY B 361 -33.25 0.89 17.13
CA GLY B 361 -33.03 -0.50 17.44
C GLY B 361 -32.85 -1.35 16.20
N ASP B 362 -32.74 -2.67 16.43
CA ASP B 362 -32.45 -3.62 15.36
C ASP B 362 -33.43 -3.53 14.19
N GLY B 363 -34.65 -3.03 14.42
CA GLY B 363 -35.61 -2.84 13.37
C GLY B 363 -35.74 -1.41 12.87
N GLY B 364 -34.91 -0.50 13.36
CA GLY B 364 -34.99 0.89 12.96
C GLY B 364 -35.99 1.73 13.74
N GLY B 365 -36.68 1.15 14.72
CA GLY B 365 -37.63 1.88 15.52
C GLY B 365 -37.00 2.45 16.78
N PRO B 366 -37.81 3.09 17.61
CA PRO B 366 -37.28 3.71 18.84
C PRO B 366 -36.83 2.66 19.85
N VAL B 367 -36.00 3.11 20.79
CA VAL B 367 -35.56 2.27 21.90
C VAL B 367 -35.93 2.96 23.20
N ALA B 368 -36.18 2.16 24.23
CA ALA B 368 -36.57 2.71 25.52
C ALA B 368 -35.37 3.32 26.23
N ASP B 369 -35.64 4.32 27.05
CA ASP B 369 -34.59 4.95 27.84
C ASP B 369 -33.88 3.90 28.68
N GLY B 370 -32.54 3.92 28.67
CA GLY B 370 -31.77 2.90 29.34
C GLY B 370 -31.37 1.74 28.45
N GLU B 371 -31.94 1.63 27.27
CA GLU B 371 -31.59 0.55 26.35
C GLU B 371 -30.70 1.08 25.24
N PRO B 372 -29.76 0.26 24.77
CA PRO B 372 -28.84 0.72 23.72
C PRO B 372 -29.51 0.77 22.34
N GLY B 373 -29.13 1.79 21.56
CA GLY B 373 -29.58 1.89 20.20
C GLY B 373 -28.46 2.42 19.32
N ASP B 374 -28.60 2.20 18.02
CA ASP B 374 -27.66 2.77 17.06
C ASP B 374 -27.89 4.28 16.96
N LEU B 375 -26.81 5.07 17.04
CA LEU B 375 -26.91 6.53 17.04
C LEU B 375 -26.96 7.10 15.63
N TYR B 376 -27.94 7.97 15.38
CA TYR B 376 -28.08 8.75 14.15
C TYR B 376 -28.18 10.23 14.48
N ILE B 377 -27.57 11.08 13.63
CA ILE B 377 -27.48 12.51 13.87
C ILE B 377 -28.09 13.25 12.68
N HIS B 378 -28.94 14.22 12.98
CA HIS B 378 -29.45 15.15 11.98
C HIS B 378 -28.92 16.53 12.36
N GLY B 379 -27.96 17.03 11.60
CA GLY B 379 -27.41 18.33 11.92
C GLY B 379 -26.78 18.99 10.70
N PRO B 380 -26.52 20.29 10.79
CA PRO B 380 -26.18 21.07 9.59
C PRO B 380 -24.73 20.97 9.16
N SER B 381 -23.88 20.27 9.90
CA SER B 381 -22.47 20.14 9.58
C SER B 381 -22.11 18.78 8.98
N SER B 382 -23.10 17.97 8.59
CA SER B 382 -22.79 16.65 8.05
C SER B 382 -22.05 16.73 6.72
N ALA B 383 -21.06 15.87 6.59
CA ALA B 383 -20.42 15.63 5.30
C ALA B 383 -21.47 15.24 4.29
N THR B 384 -21.20 15.48 3.01
CA THR B 384 -22.17 15.16 1.97
C THR B 384 -22.04 13.74 1.44
N MET B 385 -20.87 13.15 1.54
CA MET B 385 -20.58 11.87 0.90
C MET B 385 -19.22 11.38 1.34
N TYR B 386 -18.97 10.09 1.07
CA TYR B 386 -17.63 9.56 0.96
C TYR B 386 -17.29 9.57 -0.53
N TRP B 387 -16.28 10.37 -0.91
CA TRP B 387 -15.99 10.51 -2.33
C TRP B 387 -15.66 9.16 -2.97
N GLY B 388 -16.29 8.89 -4.10
CA GLY B 388 -16.00 7.69 -4.85
C GLY B 388 -16.53 6.40 -4.25
N ASN B 389 -17.34 6.44 -3.18
CA ASN B 389 -17.85 5.21 -2.58
C ASN B 389 -19.34 5.40 -2.36
N ARG B 390 -20.13 5.08 -3.39
CA ARG B 390 -21.58 5.29 -3.32
C ARG B 390 -22.23 4.32 -2.35
N ALA B 391 -21.72 3.09 -2.24
CA ALA B 391 -22.33 2.11 -1.37
C ALA B 391 -22.23 2.53 0.09
N LYS B 392 -21.02 2.87 0.54
CA LYS B 392 -20.88 3.30 1.93
C LYS B 392 -21.55 4.65 2.16
N SER B 393 -21.61 5.50 1.13
CA SER B 393 -22.31 6.77 1.29
C SER B 393 -23.80 6.53 1.54
N ARG B 394 -24.38 5.55 0.83
CA ARG B 394 -25.80 5.26 1.01
C ARG B 394 -26.10 4.68 2.38
N ASP B 395 -25.21 3.81 2.91
CA ASP B 395 -25.42 3.23 4.23
C ASP B 395 -25.26 4.27 5.35
N THR B 396 -24.53 5.36 5.09
CA THR B 396 -24.19 6.30 6.14
C THR B 396 -25.02 7.57 6.11
N PHE B 397 -25.22 8.16 4.94
CA PHE B 397 -25.90 9.44 4.81
C PHE B 397 -27.30 9.11 4.30
N GLN B 398 -28.21 8.91 5.26
CA GLN B 398 -29.54 8.32 5.06
C GLN B 398 -30.52 9.49 5.13
N GLY B 399 -30.71 10.15 3.99
CA GLY B 399 -31.61 11.29 3.86
C GLY B 399 -31.72 12.24 5.04
N GLY B 400 -30.75 13.13 5.22
CA GLY B 400 -30.74 14.08 6.32
C GLY B 400 -30.18 13.56 7.61
N TRP B 401 -30.16 12.25 7.81
CA TRP B 401 -29.61 11.60 8.99
C TRP B 401 -28.28 10.95 8.65
N THR B 402 -27.33 11.03 9.58
CA THR B 402 -26.02 10.44 9.43
C THR B 402 -25.85 9.33 10.47
N LYS B 403 -25.56 8.11 10.02
CA LYS B 403 -25.35 6.98 10.91
C LYS B 403 -23.94 7.03 11.49
N SER B 404 -23.83 6.99 12.82
CA SER B 404 -22.53 7.13 13.47
C SER B 404 -21.77 5.81 13.61
N GLY B 405 -22.45 4.67 13.62
CA GLY B 405 -21.76 3.43 13.92
C GLY B 405 -21.50 3.17 15.38
N ASP B 406 -21.83 4.13 16.27
CA ASP B 406 -21.80 3.94 17.70
C ASP B 406 -23.18 3.45 18.18
N LYS B 407 -23.17 2.77 19.32
CA LYS B 407 -24.38 2.53 20.09
C LYS B 407 -24.34 3.40 21.34
N TYR B 408 -25.51 3.92 21.70
CA TYR B 408 -25.62 4.81 22.84
C TYR B 408 -26.88 4.48 23.62
N VAL B 409 -26.86 4.84 24.90
CA VAL B 409 -28.02 4.74 25.78
C VAL B 409 -28.42 6.16 26.19
N ARG B 410 -29.71 6.47 26.15
CA ARG B 410 -30.17 7.73 26.72
C ARG B 410 -30.64 7.50 28.15
N ASN B 411 -30.12 8.32 29.06
CA ASN B 411 -30.47 8.23 30.47
C ASN B 411 -31.69 9.09 30.77
N ASP B 412 -32.18 8.96 32.01
CA ASP B 412 -33.43 9.62 32.40
C ASP B 412 -33.31 11.14 32.40
N ASP B 413 -32.11 11.68 32.58
CA ASP B 413 -31.89 13.12 32.59
C ASP B 413 -31.60 13.68 31.20
N GLY B 414 -31.74 12.86 30.16
CA GLY B 414 -31.48 13.29 28.81
C GLY B 414 -30.06 13.14 28.34
N SER B 415 -29.13 12.77 29.23
CA SER B 415 -27.74 12.54 28.82
C SER B 415 -27.61 11.21 28.07
N TYR B 416 -26.45 11.04 27.44
CA TYR B 416 -26.19 9.91 26.55
C TYR B 416 -24.91 9.21 26.98
N THR B 417 -24.97 7.89 27.08
CA THR B 417 -23.83 7.10 27.55
C THR B 417 -23.41 6.13 26.45
N TYR B 418 -22.12 6.14 26.15
CA TYR B 418 -21.59 5.29 25.11
C TYR B 418 -21.80 3.82 25.45
N ALA B 419 -22.32 3.06 24.48
CA ALA B 419 -22.64 1.65 24.66
C ALA B 419 -21.86 0.74 23.71
N GLY B 420 -20.86 1.25 23.03
CA GLY B 420 -20.02 0.40 22.21
C GLY B 420 -20.21 0.68 20.72
N ARG B 421 -19.39 0.02 19.93
CA ARG B 421 -19.45 0.19 18.50
C ARG B 421 -20.35 -0.86 17.88
N THR B 422 -20.80 -0.55 16.67
CA THR B 422 -21.49 -1.55 15.87
C THR B 422 -20.57 -2.27 14.89
N ASP B 423 -19.27 -1.92 14.88
CA ASP B 423 -18.39 -2.34 13.78
C ASP B 423 -17.00 -2.77 14.25
N ASP B 424 -16.83 -3.11 15.52
CA ASP B 424 -15.58 -3.67 16.03
C ASP B 424 -14.40 -2.70 15.99
N MET B 425 -14.60 -1.46 15.55
CA MET B 425 -13.53 -0.47 15.65
C MET B 425 -13.15 -0.21 17.10
N LEU B 426 -11.87 0.09 17.33
CA LEU B 426 -11.36 0.43 18.64
C LEU B 426 -10.98 1.89 18.70
N LYS B 427 -11.32 2.53 19.82
CA LYS B 427 -10.97 3.91 20.09
C LYS B 427 -9.83 3.90 21.12
N VAL B 428 -8.58 3.95 20.64
CA VAL B 428 -7.41 3.88 21.50
C VAL B 428 -6.67 5.22 21.44
N SER B 429 -6.36 5.78 22.61
CA SER B 429 -5.79 7.12 22.72
C SER B 429 -6.63 8.13 21.94
N GLY B 430 -7.94 7.92 21.92
CA GLY B 430 -8.86 8.79 21.22
C GLY B 430 -8.81 8.70 19.71
N ILE B 431 -8.21 7.65 19.15
CA ILE B 431 -7.97 7.54 17.71
C ILE B 431 -8.53 6.21 17.21
N TYR B 432 -9.05 6.22 15.99
CA TYR B 432 -9.64 5.03 15.41
C TYR B 432 -8.55 4.04 15.00
N VAL B 433 -8.68 2.80 15.47
CA VAL B 433 -7.79 1.71 15.10
C VAL B 433 -8.68 0.52 14.78
N SER B 434 -8.45 -0.09 13.63
CA SER B 434 -9.16 -1.32 13.31
C SER B 434 -8.43 -2.49 13.95
N PRO B 435 -9.09 -3.33 14.74
CA PRO B 435 -8.38 -4.50 15.28
C PRO B 435 -8.02 -5.47 14.19
N PHE B 436 -8.81 -5.53 13.12
CA PHE B 436 -8.50 -6.43 12.01
C PHE B 436 -7.18 -6.08 11.33
N GLU B 437 -6.87 -4.78 11.23
CA GLU B 437 -5.56 -4.40 10.70
C GLU B 437 -4.42 -4.92 11.55
N ILE B 438 -4.49 -4.71 12.88
CA ILE B 438 -3.46 -5.23 13.76
C ILE B 438 -3.33 -6.73 13.62
N GLU B 439 -4.46 -7.45 13.64
CA GLU B 439 -4.42 -8.91 13.52
C GLU B 439 -3.68 -9.35 12.29
N ALA B 440 -3.93 -8.68 11.16
CA ALA B 440 -3.33 -9.09 9.90
C ALA B 440 -1.82 -8.85 9.87
N THR B 441 -1.35 -7.82 10.57
CA THR B 441 0.09 -7.64 10.74
C THR B 441 0.69 -8.75 11.58
N LEU B 442 0.02 -9.11 12.68
CA LEU B 442 0.59 -10.10 13.60
C LEU B 442 0.77 -11.46 12.93
N VAL B 443 -0.24 -11.92 12.20
CA VAL B 443 -0.16 -13.26 11.59
CA VAL B 443 -0.16 -13.26 11.60
C VAL B 443 0.91 -13.34 10.52
N GLN B 444 1.41 -12.20 10.04
CA GLN B 444 2.51 -12.23 9.09
C GLN B 444 3.85 -12.53 9.74
N HIS B 445 3.94 -12.50 11.07
CA HIS B 445 5.14 -13.00 11.73
C HIS B 445 5.20 -14.51 11.55
N PRO B 446 6.37 -15.09 11.21
CA PRO B 446 6.40 -16.53 10.91
C PRO B 446 6.13 -17.39 12.13
N GLY B 447 6.30 -16.86 13.34
CA GLY B 447 6.01 -17.56 14.56
C GLY B 447 4.59 -17.47 15.03
N VAL B 448 3.75 -16.70 14.34
CA VAL B 448 2.35 -16.51 14.73
C VAL B 448 1.48 -17.39 13.84
N LEU B 449 0.66 -18.24 14.45
CA LEU B 449 -0.29 -19.05 13.70
C LEU B 449 -1.62 -18.35 13.52
N GLU B 450 -2.16 -17.77 14.60
CA GLU B 450 -3.43 -17.05 14.58
C GLU B 450 -3.33 -15.90 15.56
N ALA B 451 -4.17 -14.87 15.34
CA ALA B 451 -4.19 -13.75 16.27
C ALA B 451 -5.55 -13.08 16.24
N ALA B 452 -5.95 -12.58 17.40
CA ALA B 452 -7.18 -11.81 17.53
C ALA B 452 -6.88 -10.63 18.42
N VAL B 453 -7.32 -9.45 18.00
CA VAL B 453 -7.11 -8.21 18.74
C VAL B 453 -8.46 -7.67 19.14
N VAL B 454 -8.62 -7.39 20.43
CA VAL B 454 -9.86 -6.84 20.97
C VAL B 454 -9.51 -5.65 21.85
N GLY B 455 -10.53 -4.88 22.19
CA GLY B 455 -10.37 -3.73 23.08
C GLY B 455 -10.63 -4.10 24.53
N VAL B 456 -9.66 -3.83 25.40
CA VAL B 456 -9.72 -4.14 26.82
C VAL B 456 -9.35 -2.88 27.60
N ALA B 457 -10.07 -2.62 28.69
CA ALA B 457 -9.81 -1.44 29.49
C ALA B 457 -8.50 -1.59 30.27
N ASP B 458 -7.74 -0.49 30.37
CA ASP B 458 -6.54 -0.47 31.19
C ASP B 458 -6.94 -0.05 32.61
N GLU B 459 -5.96 0.30 33.45
CA GLU B 459 -6.25 0.60 34.84
C GLU B 459 -6.97 1.94 35.00
N HIS B 460 -6.95 2.80 33.99
CA HIS B 460 -7.72 4.03 33.99
C HIS B 460 -9.10 3.86 33.37
N GLY B 461 -9.46 2.63 32.99
CA GLY B 461 -10.72 2.39 32.33
C GLY B 461 -10.73 2.73 30.86
N LEU B 462 -9.57 2.95 30.26
CA LEU B 462 -9.46 3.35 28.87
C LEU B 462 -9.16 2.14 28.00
N THR B 463 -9.86 2.03 26.87
CA THR B 463 -9.71 0.88 26.00
C THR B 463 -8.40 0.93 25.24
N LYS B 464 -7.66 -0.17 25.26
CA LYS B 464 -6.44 -0.36 24.50
C LYS B 464 -6.59 -1.65 23.71
N PRO B 465 -5.88 -1.79 22.60
CA PRO B 465 -5.86 -3.09 21.92
C PRO B 465 -5.11 -4.09 22.76
N LYS B 466 -5.61 -5.31 22.76
CA LYS B 466 -4.98 -6.45 23.42
C LYS B 466 -4.97 -7.58 22.40
N ALA B 467 -3.80 -8.20 22.22
CA ALA B 467 -3.63 -9.25 21.24
C ALA B 467 -3.64 -10.60 21.94
N TYR B 468 -4.43 -11.53 21.41
CA TYR B 468 -4.42 -12.94 21.79
C TYR B 468 -3.81 -13.72 20.64
N VAL B 469 -2.66 -14.35 20.88
CA VAL B 469 -1.83 -14.91 19.83
C VAL B 469 -1.63 -16.40 20.07
N VAL B 470 -1.92 -17.21 19.06
CA VAL B 470 -1.57 -18.63 19.05
C VAL B 470 -0.21 -18.76 18.38
N PRO B 471 0.82 -19.23 19.07
CA PRO B 471 2.12 -19.43 18.41
C PRO B 471 2.10 -20.67 17.53
N ARG B 472 3.00 -20.68 16.55
CA ARG B 472 3.16 -21.84 15.68
C ARG B 472 3.91 -22.95 16.41
N PRO B 473 3.37 -24.17 16.47
CA PRO B 473 4.12 -25.27 17.10
C PRO B 473 5.45 -25.48 16.42
N GLY B 474 6.45 -25.88 17.20
CA GLY B 474 7.77 -26.10 16.67
C GLY B 474 8.58 -24.85 16.41
N GLN B 475 8.04 -23.67 16.73
CA GLN B 475 8.78 -22.43 16.72
C GLN B 475 8.87 -21.89 18.14
N THR B 476 9.99 -21.24 18.44
CA THR B 476 10.16 -20.52 19.70
C THR B 476 9.76 -19.07 19.46
N LEU B 477 8.79 -18.59 20.24
CA LEU B 477 8.29 -17.23 20.08
C LEU B 477 8.05 -16.64 21.45
N SER B 478 8.65 -15.47 21.70
CA SER B 478 8.56 -14.81 22.99
C SER B 478 7.77 -13.51 22.84
N GLU B 479 7.15 -13.08 23.95
CA GLU B 479 6.49 -11.78 23.97
C GLU B 479 7.45 -10.67 23.57
N THR B 480 8.72 -10.80 23.97
CA THR B 480 9.73 -9.79 23.63
C THR B 480 9.97 -9.74 22.13
N GLU B 481 10.12 -10.91 21.50
CA GLU B 481 10.34 -10.96 20.06
C GLU B 481 9.17 -10.35 19.30
N LEU B 482 7.94 -10.74 19.67
CA LEU B 482 6.76 -10.16 19.03
C LEU B 482 6.71 -8.66 19.25
N LYS B 483 7.13 -8.19 20.43
CA LYS B 483 7.17 -6.76 20.70
C LYS B 483 8.10 -6.05 19.73
N THR B 484 9.28 -6.63 19.50
CA THR B 484 10.23 -6.05 18.54
C THR B 484 9.68 -6.07 17.12
N PHE B 485 9.00 -7.16 16.75
CA PHE B 485 8.43 -7.26 15.41
C PHE B 485 7.50 -6.09 15.12
N ILE B 486 6.49 -5.89 15.98
CA ILE B 486 5.47 -4.88 15.71
C ILE B 486 5.94 -3.46 15.91
N LYS B 487 7.12 -3.25 16.49
CA LYS B 487 7.59 -1.90 16.81
C LYS B 487 7.52 -0.96 15.60
N ASP B 488 8.13 -1.36 14.49
CA ASP B 488 8.26 -0.49 13.34
C ASP B 488 7.18 -0.70 12.28
N ARG B 489 6.29 -1.67 12.44
CA ARG B 489 5.24 -1.86 11.44
C ARG B 489 3.87 -1.35 11.87
N LEU B 490 3.71 -0.95 13.13
CA LEU B 490 2.49 -0.27 13.56
C LEU B 490 2.84 1.04 14.25
N ALA B 491 1.97 2.03 14.11
CA ALA B 491 2.08 3.25 14.90
C ALA B 491 1.91 2.93 16.39
N PRO B 492 2.57 3.68 17.28
CA PRO B 492 2.62 3.28 18.69
C PRO B 492 1.26 3.12 19.36
N TYR B 493 0.26 3.93 18.98
CA TYR B 493 -1.05 3.78 19.61
C TYR B 493 -1.74 2.48 19.20
N LYS B 494 -1.28 1.81 18.15
CA LYS B 494 -1.79 0.50 17.77
C LYS B 494 -1.08 -0.64 18.48
N TYR B 495 -0.10 -0.35 19.33
CA TYR B 495 0.54 -1.40 20.09
C TYR B 495 -0.47 -2.07 21.00
N PRO B 496 -0.61 -3.38 20.95
CA PRO B 496 -1.35 -4.07 22.01
C PRO B 496 -0.74 -3.74 23.36
N ARG B 497 -1.59 -3.31 24.30
CA ARG B 497 -1.12 -3.06 25.66
C ARG B 497 -0.45 -4.30 26.24
N SER B 498 -0.98 -5.47 25.93
CA SER B 498 -0.38 -6.73 26.31
C SER B 498 -0.59 -7.70 25.16
N THR B 499 0.12 -8.83 25.23
CA THR B 499 -0.12 -9.96 24.37
C THR B 499 -0.23 -11.21 25.25
N VAL B 500 -1.34 -11.91 25.12
CA VAL B 500 -1.52 -13.20 25.76
C VAL B 500 -1.29 -14.27 24.70
N PHE B 501 -0.43 -15.24 25.01
CA PHE B 501 -0.26 -16.40 24.17
C PHE B 501 -1.15 -17.52 24.67
N VAL B 502 -1.92 -18.11 23.76
CA VAL B 502 -2.91 -19.12 24.08
C VAL B 502 -2.74 -20.29 23.14
N ALA B 503 -3.15 -21.47 23.61
CA ALA B 503 -3.05 -22.66 22.77
C ALA B 503 -4.03 -22.60 21.62
N GLU B 504 -5.21 -22.02 21.85
CA GLU B 504 -6.29 -22.05 20.87
C GLU B 504 -7.20 -20.86 21.14
N LEU B 505 -7.83 -20.34 20.06
CA LEU B 505 -8.80 -19.27 20.21
C LEU B 505 -10.21 -19.83 20.25
N PRO B 506 -11.12 -19.19 20.99
CA PRO B 506 -12.51 -19.69 21.03
C PRO B 506 -13.24 -19.37 19.72
N LYS B 507 -13.91 -20.38 19.18
CA LYS B 507 -14.53 -20.30 17.86
C LYS B 507 -15.89 -20.98 17.90
N THR B 508 -16.74 -20.62 16.93
CA THR B 508 -17.98 -21.33 16.67
C THR B 508 -17.72 -22.57 15.81
N ALA B 509 -18.79 -23.28 15.46
CA ALA B 509 -18.64 -24.53 14.72
C ALA B 509 -18.12 -24.31 13.31
N THR B 510 -18.25 -23.10 12.78
CA THR B 510 -17.77 -22.78 11.44
C THR B 510 -16.39 -22.14 11.44
N GLY B 511 -15.82 -21.85 12.61
CA GLY B 511 -14.46 -21.37 12.71
C GLY B 511 -14.32 -19.90 13.01
N LYS B 512 -15.42 -19.20 13.26
CA LYS B 512 -15.38 -17.76 13.47
C LYS B 512 -14.98 -17.46 14.91
N ILE B 513 -14.04 -16.52 15.07
CA ILE B 513 -13.46 -16.25 16.39
C ILE B 513 -14.49 -15.59 17.29
N GLN B 514 -14.63 -16.12 18.50
CA GLN B 514 -15.59 -15.59 19.48
C GLN B 514 -14.95 -14.43 20.22
N ARG B 515 -14.92 -13.27 19.54
CA ARG B 515 -14.21 -12.12 20.09
C ARG B 515 -14.83 -11.63 21.39
N PHE B 516 -16.13 -11.83 21.58
CA PHE B 516 -16.77 -11.38 22.81
C PHE B 516 -16.25 -12.15 24.01
N LYS B 517 -16.03 -13.46 23.87
CA LYS B 517 -15.48 -14.19 25.00
C LYS B 517 -14.03 -13.77 25.28
N LEU B 518 -13.30 -13.29 24.27
CA LEU B 518 -11.98 -12.72 24.55
C LEU B 518 -12.07 -11.42 25.33
N ARG B 519 -13.11 -10.63 25.09
CA ARG B 519 -13.42 -9.53 25.99
C ARG B 519 -14.07 -10.03 27.28
N GLU B 520 -14.96 -11.02 27.19
CA GLU B 520 -15.54 -11.59 28.40
C GLU B 520 -14.52 -12.32 29.28
N GLY B 521 -13.30 -12.56 28.79
CA GLY B 521 -12.22 -13.08 29.62
C GLY B 521 -12.03 -14.58 29.62
N VAL B 522 -12.77 -15.33 28.79
CA VAL B 522 -12.80 -16.78 28.82
C VAL B 522 -11.41 -17.40 28.67
N LEU B 523 -10.42 -16.58 28.29
CA LEU B 523 -9.06 -17.06 28.10
C LEU B 523 -8.01 -16.06 28.60
#